data_1C47
#
_entry.id   1C47
#
_cell.length_a   174.420
_cell.length_b   174.420
_cell.length_c   101.100
_cell.angle_alpha   90.00
_cell.angle_beta   90.00
_cell.angle_gamma   90.00
#
_symmetry.space_group_name_H-M   'P 41 21 2'
#
loop_
_entity.id
_entity.type
_entity.pdbx_description
1 polymer 'ALPHA-D-GLUCOSE 1,6-BISPHOSPHATE PHOSPHOTRANSFERASE'
2 non-polymer 1,6-di-O-phosphono-alpha-D-glucopyranose
3 non-polymer 'CADMIUM ION'
4 water water
#
_entity_poly.entity_id   1
_entity_poly.type   'polypeptide(L)'
_entity_poly.pdbx_seq_one_letter_code
;VKIVTVKTKAYPDQKPGTSGLRKRVKVFQSSTNYAENFIQSIISTVEPAQRQEATLVVGGDGRFYMKEAIQLIVRIAAAN
GIGRLVIGQNGILSTPAVSCIIRKIKAIGGIILTASHNPGGPNGDFGIKFNISNGGPAPEAITDKIFQISKTIEEYAICP
DLKVDLGVLGKQQFDLENKFKPFTVEIVDSVEAYATMLRNIFDFNALKELLSGPNRLKIRIDAMHGVVGPYVKKILCEEL
GAPANSAVNCVPLEDFGGHHPDPNLTYAADLVETMKSGEHDFGAAFDGDGDRNMILGKHGFFVNPSDSVAVIAANIFSIP
YFQQTGVRGFARSMPTSGALDRVANATKIALYETPTGWKFFGNLMDASKLSLCGEESFGTGSDHIREKDGLWAVLAWLSI
LATRKQSVEDILKDHWHKFGRNFFTRYDYEEVEAEGATKMMKDLEALMFDRSFVGKQFSANDKVYTVEKADNFEYHDPVD
GSVSKNQGLRLIFADGSRIIFRLSGTGSAGATIRLYIDSYEKDNAKINQDPQVMLAPLISIALKVSQLQERTGRTAPTVI
T
;
_entity_poly.pdbx_strand_id   A,B
#
# COMPACT_ATOMS: atom_id res chain seq x y z
N VAL A 1 9.52 15.83 20.27
CA VAL A 1 10.88 15.84 19.73
C VAL A 1 11.50 17.21 19.90
N LYS A 2 12.86 17.28 20.19
CA LYS A 2 13.53 18.61 20.38
C LYS A 2 14.13 19.16 19.08
N ILE A 3 14.30 20.46 18.97
CA ILE A 3 14.91 21.04 17.81
C ILE A 3 16.23 21.70 18.22
N VAL A 4 17.38 21.11 17.86
CA VAL A 4 18.68 21.70 18.23
C VAL A 4 19.42 22.34 16.99
N THR A 5 20.15 23.42 17.20
CA THR A 5 20.88 24.05 16.09
C THR A 5 22.36 23.73 16.15
N VAL A 6 22.87 23.10 15.10
CA VAL A 6 24.27 22.69 15.07
C VAL A 6 25.19 23.67 14.27
N LYS A 7 26.18 24.23 14.96
CA LYS A 7 27.13 25.08 14.30
C LYS A 7 28.04 24.22 13.37
N THR A 8 28.20 24.64 12.08
CA THR A 8 29.02 23.84 11.13
C THR A 8 30.08 24.66 10.37
N LYS A 9 30.99 23.96 9.69
CA LYS A 9 31.96 24.64 8.86
C LYS A 9 31.69 24.29 7.38
N ALA A 10 31.64 25.33 6.49
CA ALA A 10 31.27 25.13 5.04
C ALA A 10 32.28 24.34 4.14
N TYR A 11 31.76 23.80 2.99
CA TYR A 11 32.60 23.02 2.05
C TYR A 11 32.65 23.69 0.65
N PRO A 12 33.83 23.79 0.03
CA PRO A 12 33.98 24.42 -1.32
C PRO A 12 33.59 23.47 -2.50
N ASP A 13 33.68 22.15 -2.32
CA ASP A 13 33.38 21.24 -3.43
C ASP A 13 31.95 20.70 -3.48
N GLN A 14 31.00 21.25 -2.69
CA GLN A 14 29.59 20.71 -2.71
C GLN A 14 28.77 21.20 -3.94
N LYS A 15 29.35 21.10 -5.13
CA LYS A 15 28.67 21.58 -6.35
C LYS A 15 27.72 20.56 -7.01
N PRO A 16 26.44 20.86 -7.05
CA PRO A 16 25.43 20.01 -7.65
C PRO A 16 25.60 19.96 -9.12
N GLY A 17 25.86 18.80 -9.68
CA GLY A 17 25.97 18.70 -11.13
C GLY A 17 24.54 18.66 -11.80
N THR A 18 24.49 18.63 -13.15
CA THR A 18 23.15 18.60 -13.87
C THR A 18 22.20 17.48 -13.34
N SER A 19 22.75 16.30 -13.01
CA SER A 19 21.91 15.24 -12.45
C SER A 19 22.17 15.07 -10.95
N GLY A 20 22.22 16.18 -10.20
CA GLY A 20 22.41 16.08 -8.78
C GLY A 20 23.84 16.03 -8.31
N LEU A 21 24.05 15.86 -6.96
CA LEU A 21 25.41 15.81 -6.37
C LEU A 21 26.04 14.37 -6.38
N ARG A 22 26.46 13.89 -7.55
CA ARG A 22 27.18 12.54 -7.65
C ARG A 22 28.61 12.64 -6.95
N LYS A 23 28.92 11.71 -6.07
CA LYS A 23 30.21 11.78 -5.30
C LYS A 23 30.54 10.42 -4.61
N ARG A 24 31.79 10.01 -4.56
CA ARG A 24 32.15 8.70 -3.87
C ARG A 24 31.65 8.60 -2.40
N VAL A 25 30.98 7.45 -2.05
CA VAL A 25 30.40 7.28 -0.68
C VAL A 25 31.35 7.71 0.41
N LYS A 26 32.63 7.50 0.17
CA LYS A 26 33.69 7.90 1.14
C LYS A 26 33.56 9.39 1.60
N VAL A 27 33.32 10.33 0.67
CA VAL A 27 33.17 11.77 1.07
C VAL A 27 31.90 11.98 1.96
N PHE A 28 30.85 11.19 1.70
CA PHE A 28 29.60 11.36 2.44
C PHE A 28 29.67 10.84 3.87
N GLN A 29 30.34 9.69 4.09
CA GLN A 29 30.42 9.13 5.46
C GLN A 29 31.72 9.50 6.21
N SER A 30 32.77 9.90 5.51
CA SER A 30 34.01 10.27 6.21
C SER A 30 34.06 11.75 6.61
N SER A 31 33.62 12.66 5.74
CA SER A 31 33.67 14.11 6.09
C SER A 31 32.52 14.58 7.06
N THR A 32 32.89 15.08 8.26
CA THR A 32 31.89 15.52 9.23
C THR A 32 30.93 16.57 8.69
N ASN A 33 29.61 16.39 8.94
CA ASN A 33 28.56 17.37 8.46
C ASN A 33 28.46 17.51 6.94
N TYR A 34 29.05 16.59 6.17
CA TYR A 34 28.97 16.67 4.69
C TYR A 34 27.50 16.56 4.13
N ALA A 35 26.86 15.38 4.29
CA ALA A 35 25.46 15.23 3.85
C ALA A 35 24.52 16.25 4.59
N GLU A 36 24.69 16.42 5.91
CA GLU A 36 23.86 17.40 6.65
C GLU A 36 23.86 18.81 6.00
N ASN A 37 25.05 19.32 5.66
CA ASN A 37 25.14 20.64 5.03
C ASN A 37 24.45 20.70 3.67
N PHE A 38 24.67 19.70 2.80
CA PHE A 38 23.99 19.74 1.47
C PHE A 38 22.43 19.60 1.60
N ILE A 39 21.94 18.70 2.52
CA ILE A 39 20.49 18.55 2.69
C ILE A 39 19.88 19.84 3.22
N GLN A 40 20.53 20.43 4.27
CA GLN A 40 20.05 21.74 4.83
C GLN A 40 20.03 22.85 3.72
N SER A 41 21.07 22.85 2.85
CA SER A 41 21.13 23.83 1.72
C SER A 41 19.98 23.69 0.80
N ILE A 42 19.61 22.43 0.45
CA ILE A 42 18.42 22.21 -0.42
C ILE A 42 17.16 22.76 0.27
N ILE A 43 16.88 22.34 1.50
CA ILE A 43 15.66 22.82 2.22
C ILE A 43 15.67 24.35 2.42
N SER A 44 16.89 24.97 2.47
CA SER A 44 17.00 26.48 2.62
C SER A 44 16.47 27.23 1.39
N THR A 45 16.45 26.57 0.20
CA THR A 45 15.91 27.24 -0.98
C THR A 45 14.41 27.47 -0.85
N VAL A 46 13.77 26.78 0.11
CA VAL A 46 12.32 26.91 0.33
C VAL A 46 11.97 28.15 1.22
N GLU A 47 11.31 29.13 0.64
CA GLU A 47 10.93 30.37 1.39
C GLU A 47 10.20 30.02 2.72
N PRO A 48 10.76 30.43 3.89
CA PRO A 48 10.21 30.13 5.26
C PRO A 48 8.63 30.11 5.37
N ALA A 49 7.98 31.15 4.87
CA ALA A 49 6.50 31.19 4.95
C ALA A 49 5.83 30.04 4.28
N GLN A 50 6.51 29.43 3.26
CA GLN A 50 5.90 28.29 2.55
C GLN A 50 6.29 26.88 3.09
N ARG A 51 7.11 26.80 4.10
CA ARG A 51 7.52 25.45 4.59
C ARG A 51 6.39 24.58 5.28
N GLN A 52 5.53 25.18 6.10
CA GLN A 52 4.50 24.39 6.79
C GLN A 52 3.57 23.66 5.87
N GLU A 53 3.03 24.35 4.83
CA GLU A 53 2.11 23.67 3.87
C GLU A 53 2.88 22.97 2.68
N ALA A 54 4.20 22.72 2.83
CA ALA A 54 4.96 22.11 1.74
C ALA A 54 5.28 20.63 1.95
N THR A 55 5.09 19.83 0.92
CA THR A 55 5.40 18.39 1.02
C THR A 55 6.59 18.01 0.17
N LEU A 56 7.47 17.24 0.72
CA LEU A 56 8.65 16.77 -0.03
C LEU A 56 8.60 15.29 -0.19
N VAL A 57 8.88 14.82 -1.37
CA VAL A 57 8.91 13.34 -1.61
C VAL A 57 10.36 12.78 -1.54
N VAL A 58 10.59 11.72 -0.80
CA VAL A 58 11.98 11.19 -0.66
C VAL A 58 12.07 9.74 -0.97
N GLY A 59 13.13 9.33 -1.62
CA GLY A 59 13.28 7.93 -1.99
C GLY A 59 14.56 7.73 -2.75
N GLY A 60 15.06 6.47 -2.84
CA GLY A 60 16.32 6.20 -3.58
C GLY A 60 16.35 4.84 -4.23
N ASP A 61 17.39 4.56 -4.98
CA ASP A 61 17.51 3.25 -5.64
C ASP A 61 17.97 2.05 -4.68
N GLY A 62 18.09 2.30 -3.35
CA GLY A 62 18.41 1.23 -2.41
C GLY A 62 19.95 0.96 -2.21
N ARG A 63 20.80 1.74 -2.83
CA ARG A 63 22.25 1.49 -2.65
C ARG A 63 22.75 1.77 -1.20
N PHE A 64 23.99 1.37 -0.91
CA PHE A 64 24.60 1.61 0.41
C PHE A 64 24.46 3.12 0.88
N TYR A 65 24.32 3.38 2.18
CA TYR A 65 24.17 4.80 2.70
C TYR A 65 22.76 5.46 2.45
N MET A 66 21.96 4.99 1.49
CA MET A 66 20.60 5.58 1.25
C MET A 66 19.75 5.65 2.56
N LYS A 67 19.78 4.63 3.39
CA LYS A 67 18.96 4.63 4.65
C LYS A 67 19.44 5.67 5.67
N GLU A 68 20.77 5.81 5.89
CA GLU A 68 21.27 6.85 6.87
C GLU A 68 20.99 8.26 6.36
N ALA A 69 21.15 8.47 5.05
CA ALA A 69 20.85 9.78 4.45
C ALA A 69 19.38 10.11 4.60
N ILE A 70 18.46 9.13 4.32
CA ILE A 70 16.98 9.43 4.48
C ILE A 70 16.68 9.81 5.93
N GLN A 71 17.29 9.11 6.92
CA GLN A 71 17.05 9.50 8.32
C GLN A 71 17.52 10.92 8.61
N LEU A 72 18.58 11.36 7.87
CA LEU A 72 19.08 12.78 8.00
C LEU A 72 18.10 13.76 7.38
N ILE A 73 17.52 13.41 6.20
CA ILE A 73 16.51 14.28 5.55
C ILE A 73 15.32 14.46 6.43
N VAL A 74 14.82 13.36 7.06
CA VAL A 74 13.62 13.49 7.98
C VAL A 74 13.89 14.50 9.17
N ARG A 75 15.00 14.28 9.91
CA ARG A 75 15.30 15.14 11.08
C ARG A 75 15.51 16.59 10.70
N ILE A 76 16.28 16.83 9.66
CA ILE A 76 16.54 18.23 9.21
C ILE A 76 15.25 18.87 8.60
N ALA A 77 14.52 18.14 7.75
CA ALA A 77 13.25 18.69 7.18
C ALA A 77 12.25 18.99 8.30
N ALA A 78 12.15 18.11 9.30
CA ALA A 78 11.23 18.35 10.44
C ALA A 78 11.63 19.60 11.24
N ALA A 79 12.93 19.64 11.70
CA ALA A 79 13.43 20.80 12.47
C ALA A 79 13.42 22.11 11.65
N ASN A 80 13.51 22.05 10.33
CA ASN A 80 13.48 23.28 9.52
C ASN A 80 12.09 23.86 9.30
N GLY A 81 11.00 23.12 9.62
CA GLY A 81 9.67 23.68 9.39
C GLY A 81 8.87 22.98 8.21
N ILE A 82 9.43 21.95 7.54
CA ILE A 82 8.65 21.26 6.49
C ILE A 82 7.47 20.46 7.17
N GLY A 83 6.23 20.78 6.79
CA GLY A 83 5.08 20.13 7.38
C GLY A 83 4.90 18.62 7.02
N ARG A 84 5.17 18.21 5.80
CA ARG A 84 4.92 16.80 5.44
C ARG A 84 5.99 16.17 4.46
N LEU A 85 6.43 14.94 4.78
CA LEU A 85 7.35 14.20 3.90
C LEU A 85 6.69 12.91 3.37
N VAL A 86 6.65 12.73 2.05
CA VAL A 86 6.10 11.44 1.48
C VAL A 86 7.27 10.55 1.07
N ILE A 87 7.48 9.49 1.77
CA ILE A 87 8.65 8.60 1.49
C ILE A 87 8.22 7.16 1.01
N GLY A 88 8.92 6.60 0.11
CA GLY A 88 8.56 5.26 -0.39
C GLY A 88 8.89 4.20 0.66
N GLN A 89 8.19 3.05 0.65
CA GLN A 89 8.45 2.06 1.70
C GLN A 89 9.89 1.61 1.69
N ASN A 90 10.51 1.47 2.89
CA ASN A 90 11.91 1.06 3.00
C ASN A 90 12.85 2.10 2.31
N GLY A 91 12.32 3.28 2.04
CA GLY A 91 13.10 4.33 1.39
C GLY A 91 13.23 4.12 -0.14
N ILE A 92 12.79 2.91 -0.62
CA ILE A 92 12.93 2.55 -2.05
C ILE A 92 11.92 3.26 -2.93
N LEU A 93 12.42 4.08 -3.83
CA LEU A 93 11.52 4.82 -4.76
C LEU A 93 12.28 5.15 -6.03
N SER A 94 11.83 4.65 -7.19
CA SER A 94 12.55 4.90 -8.45
C SER A 94 12.43 6.35 -8.94
N THR A 95 13.46 6.87 -9.73
CA THR A 95 13.40 8.27 -10.25
C THR A 95 12.06 8.61 -10.99
N PRO A 96 11.59 7.77 -11.96
CA PRO A 96 10.32 8.00 -12.63
C PRO A 96 9.13 7.99 -11.58
N ALA A 97 9.20 7.13 -10.54
CA ALA A 97 8.12 7.13 -9.52
C ALA A 97 8.12 8.40 -8.74
N VAL A 98 9.33 8.93 -8.39
CA VAL A 98 9.43 10.21 -7.62
C VAL A 98 8.84 11.37 -8.43
N SER A 99 9.12 11.38 -9.71
CA SER A 99 8.56 12.43 -10.61
C SER A 99 7.08 12.27 -10.71
N CYS A 100 6.59 11.04 -10.85
CA CYS A 100 5.12 10.77 -10.91
C CYS A 100 4.43 11.27 -9.63
N ILE A 101 4.95 10.85 -8.40
CA ILE A 101 4.31 11.25 -7.13
C ILE A 101 4.30 12.75 -6.93
N ILE A 102 5.43 13.42 -7.18
CA ILE A 102 5.49 14.91 -7.03
C ILE A 102 4.42 15.59 -7.87
N ARG A 103 4.37 15.22 -9.19
CA ARG A 103 3.37 15.81 -10.09
C ARG A 103 1.95 15.50 -9.67
N LYS A 104 1.73 14.26 -9.18
CA LYS A 104 0.36 13.79 -8.74
C LYS A 104 -0.15 14.53 -7.46
N ILE A 105 0.63 14.49 -6.38
CA ILE A 105 0.21 15.14 -5.14
C ILE A 105 0.57 16.65 -5.05
N LYS A 106 1.03 17.26 -6.15
CA LYS A 106 1.41 18.70 -6.14
C LYS A 106 2.52 19.01 -5.06
N ALA A 107 3.59 18.23 -5.05
CA ALA A 107 4.67 18.44 -4.06
C ALA A 107 5.62 19.61 -4.47
N ILE A 108 6.21 20.28 -3.49
CA ILE A 108 7.12 21.41 -3.80
C ILE A 108 8.39 20.94 -4.54
N GLY A 109 8.69 19.65 -4.40
CA GLY A 109 9.83 19.08 -5.05
C GLY A 109 10.12 17.73 -4.46
N GLY A 110 11.27 17.20 -4.71
CA GLY A 110 11.56 15.92 -4.16
C GLY A 110 13.09 15.67 -4.06
N ILE A 111 13.55 14.92 -3.04
CA ILE A 111 14.92 14.63 -2.92
C ILE A 111 15.20 13.13 -3.20
N ILE A 112 15.85 12.84 -4.32
CA ILE A 112 16.14 11.42 -4.68
C ILE A 112 17.57 10.97 -4.33
N LEU A 113 17.71 9.99 -3.41
CA LEU A 113 19.07 9.47 -3.05
C LEU A 113 19.53 8.43 -4.10
N THR A 114 20.14 8.90 -5.19
CA THR A 114 20.59 7.98 -6.26
C THR A 114 21.77 8.49 -7.07
N ALA A 115 22.70 7.59 -7.42
CA ALA A 115 23.86 7.97 -8.32
C ALA A 115 23.64 7.34 -9.71
N SER A 116 22.38 6.91 -9.97
CA SER A 116 22.00 6.36 -11.32
C SER A 116 22.86 5.18 -11.88
N HIS A 117 23.38 5.30 -13.11
CA HIS A 117 24.25 4.23 -13.70
C HIS A 117 25.63 4.03 -12.91
N ASN A 118 25.90 4.89 -11.92
CA ASN A 118 27.08 4.75 -11.12
C ASN A 118 26.91 3.56 -10.07
N PRO A 119 27.97 2.73 -9.83
CA PRO A 119 27.91 1.59 -8.88
C PRO A 119 27.70 2.04 -7.40
N GLY A 120 27.18 1.15 -6.57
CA GLY A 120 26.98 1.48 -5.15
C GLY A 120 27.77 0.53 -4.22
N GLY A 121 27.65 0.69 -2.92
CA GLY A 121 28.44 -0.17 -1.99
C GLY A 121 29.51 0.65 -1.19
N PRO A 122 30.18 0.05 -0.18
CA PRO A 122 31.19 0.75 0.69
C PRO A 122 32.24 1.47 -0.10
N ASN A 123 32.68 0.86 -1.22
CA ASN A 123 33.67 1.52 -2.07
C ASN A 123 33.04 1.88 -3.44
N GLY A 124 31.81 2.42 -3.42
CA GLY A 124 31.13 2.83 -4.67
C GLY A 124 30.72 4.37 -4.68
N ASP A 125 29.76 4.73 -5.48
CA ASP A 125 29.36 6.13 -5.56
C ASP A 125 28.04 6.44 -4.87
N PHE A 126 27.82 7.67 -4.51
CA PHE A 126 26.55 8.08 -3.89
C PHE A 126 26.10 9.43 -4.45
N GLY A 127 24.86 9.86 -4.24
CA GLY A 127 24.45 11.14 -4.83
C GLY A 127 23.11 11.63 -4.37
N ILE A 128 22.99 12.91 -4.14
CA ILE A 128 21.72 13.48 -3.70
C ILE A 128 21.11 14.31 -4.84
N LYS A 129 20.15 13.70 -5.60
CA LYS A 129 19.50 14.41 -6.76
C LYS A 129 18.23 15.27 -6.30
N PHE A 130 18.19 16.57 -6.57
CA PHE A 130 17.02 17.38 -6.17
C PHE A 130 16.07 17.71 -7.33
N ASN A 131 14.84 17.31 -7.23
CA ASN A 131 13.86 17.60 -8.29
C ASN A 131 12.91 18.77 -7.81
N ILE A 132 12.36 19.56 -8.76
CA ILE A 132 11.46 20.66 -8.39
C ILE A 132 9.93 20.37 -8.65
N SER A 133 9.06 21.34 -8.31
CA SER A 133 7.54 21.19 -8.47
C SER A 133 7.04 20.51 -9.71
N ASN A 134 7.66 20.71 -10.86
CA ASN A 134 7.11 20.07 -12.08
C ASN A 134 7.46 18.55 -12.18
N GLY A 135 8.23 18.04 -11.21
CA GLY A 135 8.62 16.60 -11.22
C GLY A 135 9.99 16.38 -11.79
N GLY A 136 10.47 17.31 -12.58
CA GLY A 136 11.81 17.17 -13.20
C GLY A 136 12.96 17.65 -12.31
N PRO A 137 14.21 17.47 -12.77
CA PRO A 137 15.44 17.85 -12.02
C PRO A 137 15.55 19.38 -11.79
N ALA A 138 16.24 19.80 -10.73
CA ALA A 138 16.41 21.25 -10.45
C ALA A 138 17.25 21.91 -11.51
N PRO A 139 16.74 23.03 -12.13
CA PRO A 139 17.45 23.75 -13.17
C PRO A 139 18.71 24.53 -12.60
N GLU A 140 19.63 25.02 -13.53
CA GLU A 140 20.88 25.73 -13.12
C GLU A 140 20.64 26.84 -12.10
N ALA A 141 19.61 27.67 -12.28
CA ALA A 141 19.32 28.76 -11.27
C ALA A 141 19.12 28.20 -9.85
N ILE A 142 18.47 26.98 -9.75
CA ILE A 142 18.22 26.34 -8.43
C ILE A 142 19.52 25.61 -7.92
N THR A 143 20.09 24.69 -8.77
CA THR A 143 21.35 23.96 -8.36
C THR A 143 22.43 24.92 -7.96
N ASP A 144 22.60 26.02 -8.74
CA ASP A 144 23.62 27.05 -8.41
C ASP A 144 23.33 27.81 -7.07
N LYS A 145 22.01 28.08 -6.77
CA LYS A 145 21.66 28.71 -5.49
C LYS A 145 22.00 27.73 -4.32
N ILE A 146 21.74 26.43 -4.52
CA ILE A 146 22.11 25.42 -3.50
C ILE A 146 23.63 25.45 -3.30
N PHE A 147 24.39 25.53 -4.44
CA PHE A 147 25.89 25.62 -4.38
C PHE A 147 26.34 26.89 -3.63
N GLN A 148 25.68 28.04 -3.89
CA GLN A 148 26.03 29.29 -3.21
C GLN A 148 25.80 29.23 -1.73
N ILE A 149 24.73 28.54 -1.30
CA ILE A 149 24.46 28.41 0.18
C ILE A 149 25.46 27.43 0.83
N SER A 150 25.61 26.20 0.23
CA SER A 150 26.55 25.16 0.79
C SER A 150 27.95 25.68 0.90
N LYS A 151 28.33 26.53 -0.04
CA LYS A 151 29.67 27.14 -0.03
C LYS A 151 29.86 28.09 1.22
N THR A 152 28.80 28.70 1.70
CA THR A 152 28.93 29.67 2.79
C THR A 152 28.09 29.35 4.04
N ILE A 153 27.51 28.16 4.12
CA ILE A 153 26.69 27.80 5.33
C ILE A 153 27.50 27.82 6.67
N GLU A 154 26.94 28.51 7.65
CA GLU A 154 27.57 28.61 8.98
C GLU A 154 26.87 27.63 10.06
N GLU A 155 25.57 27.32 9.87
CA GLU A 155 24.85 26.38 10.81
C GLU A 155 23.65 25.69 10.15
N TYR A 156 23.14 24.60 10.76
CA TYR A 156 21.93 23.88 10.25
C TYR A 156 21.04 23.46 11.42
N ALA A 157 19.74 23.27 11.20
CA ALA A 157 18.83 22.84 12.28
C ALA A 157 18.53 21.36 12.21
N ILE A 158 18.46 20.68 13.33
CA ILE A 158 18.18 19.24 13.28
C ILE A 158 17.38 18.70 14.55
N CYS A 159 16.56 17.64 14.35
CA CYS A 159 15.87 16.97 15.45
C CYS A 159 16.57 15.65 15.65
N PRO A 160 17.60 15.56 16.52
CA PRO A 160 18.42 14.28 16.78
C PRO A 160 17.64 13.09 17.28
N ASP A 161 16.71 13.33 18.19
CA ASP A 161 15.87 12.23 18.76
C ASP A 161 14.76 11.63 17.76
N LEU A 162 14.41 12.33 16.67
CA LEU A 162 13.37 11.81 15.75
C LEU A 162 13.91 10.63 14.91
N LYS A 163 13.21 9.49 14.92
CA LYS A 163 13.68 8.31 14.08
C LYS A 163 12.50 7.50 13.51
N VAL A 164 11.99 7.90 12.36
CA VAL A 164 10.85 7.19 11.74
C VAL A 164 11.23 5.79 11.16
N ASP A 165 10.28 4.85 11.13
CA ASP A 165 10.57 3.52 10.59
C ASP A 165 10.04 3.37 9.15
N LEU A 166 10.94 3.44 8.15
CA LEU A 166 10.51 3.36 6.71
C LEU A 166 9.81 2.03 6.35
N GLY A 167 9.89 1.00 7.21
CA GLY A 167 9.29 -0.30 6.88
C GLY A 167 7.75 -0.31 7.00
N VAL A 168 7.14 0.53 7.86
CA VAL A 168 5.69 0.46 8.02
C VAL A 168 4.88 1.51 7.18
N LEU A 169 3.91 1.04 6.37
CA LEU A 169 3.10 1.97 5.52
C LEU A 169 2.15 2.82 6.39
N GLY A 170 1.68 3.96 5.90
CA GLY A 170 0.74 4.75 6.67
C GLY A 170 1.23 6.08 7.13
N LYS A 171 0.35 6.81 7.82
CA LYS A 171 0.72 8.12 8.31
C LYS A 171 1.32 8.09 9.75
N GLN A 172 2.49 8.72 9.94
CA GLN A 172 3.14 8.81 11.28
C GLN A 172 3.33 10.27 11.68
N GLN A 173 2.80 10.70 12.85
CA GLN A 173 2.95 12.12 13.24
C GLN A 173 3.85 12.31 14.41
N PHE A 174 4.64 13.37 14.37
CA PHE A 174 5.60 13.65 15.50
C PHE A 174 5.47 15.08 15.99
N ASP A 175 5.50 15.30 17.32
CA ASP A 175 5.37 16.68 17.85
C ASP A 175 6.75 17.32 18.10
N LEU A 176 6.96 18.52 17.60
CA LEU A 176 8.26 19.20 17.78
C LEU A 176 8.14 20.35 18.82
N GLU A 177 9.20 20.62 19.58
CA GLU A 177 9.15 21.70 20.59
C GLU A 177 8.75 23.08 19.99
N ASN A 178 8.00 23.89 20.74
CA ASN A 178 7.56 25.21 20.24
C ASN A 178 6.93 25.19 18.81
N LYS A 179 6.23 24.14 18.48
CA LYS A 179 5.58 24.04 17.20
C LYS A 179 4.05 23.73 17.35
N PHE A 180 3.20 24.63 16.91
CA PHE A 180 1.78 24.38 17.02
C PHE A 180 1.28 23.30 16.04
N LYS A 181 2.00 23.07 14.96
CA LYS A 181 1.57 22.06 13.99
C LYS A 181 2.47 20.85 14.04
N PRO A 182 1.93 19.60 14.01
CA PRO A 182 2.77 18.35 14.05
C PRO A 182 3.49 18.02 12.69
N PHE A 183 4.61 17.31 12.77
CA PHE A 183 5.34 16.90 11.57
C PHE A 183 4.76 15.58 10.99
N THR A 184 4.48 15.52 9.68
CA THR A 184 3.87 14.30 9.12
C THR A 184 4.75 13.50 8.19
N VAL A 185 4.97 12.24 8.50
CA VAL A 185 5.76 11.32 7.57
C VAL A 185 4.77 10.24 6.97
N GLU A 186 4.54 10.33 5.71
CA GLU A 186 3.63 9.43 5.08
C GLU A 186 4.34 8.33 4.21
N ILE A 187 4.54 7.16 4.78
CA ILE A 187 5.16 6.07 4.01
C ILE A 187 4.15 5.48 2.93
N VAL A 188 4.52 5.59 1.69
CA VAL A 188 3.70 5.11 0.61
C VAL A 188 4.30 3.84 -0.12
N ASP A 189 3.46 2.95 -0.65
CA ASP A 189 3.97 1.75 -1.40
C ASP A 189 4.89 2.21 -2.55
N SER A 190 5.98 1.57 -2.75
CA SER A 190 6.93 2.00 -3.85
C SER A 190 6.39 1.89 -5.22
N VAL A 191 5.53 0.94 -5.50
CA VAL A 191 5.03 0.82 -6.94
C VAL A 191 3.60 1.39 -7.20
N GLU A 192 2.64 1.37 -6.18
CA GLU A 192 1.16 1.86 -6.36
C GLU A 192 0.95 3.10 -7.33
N ALA A 193 1.26 4.36 -6.85
CA ALA A 193 1.04 5.58 -7.71
C ALA A 193 1.66 5.45 -9.12
N TYR A 194 2.83 4.84 -9.21
CA TYR A 194 3.45 4.64 -10.48
C TYR A 194 2.64 3.59 -11.37
N ALA A 195 2.17 2.50 -10.78
CA ALA A 195 1.40 1.49 -11.56
C ALA A 195 0.06 2.10 -12.06
N THR A 196 -0.61 2.89 -11.23
CA THR A 196 -1.85 3.53 -11.66
C THR A 196 -1.59 4.44 -12.85
N MET A 197 -0.49 5.20 -12.81
CA MET A 197 -0.12 6.12 -13.97
C MET A 197 0.13 5.34 -15.27
N LEU A 198 0.92 4.23 -15.21
CA LEU A 198 1.12 3.39 -16.41
C LEU A 198 -0.21 2.67 -16.86
N ARG A 199 -1.08 2.33 -15.88
CA ARG A 199 -2.36 1.68 -16.18
C ARG A 199 -3.27 2.59 -17.00
N ASN A 200 -3.10 3.96 -16.86
CA ASN A 200 -3.90 4.91 -17.70
C ASN A 200 -3.19 5.27 -19.06
N ILE A 201 -1.90 4.93 -19.17
CA ILE A 201 -1.11 5.24 -20.38
C ILE A 201 -1.12 4.09 -21.39
N PHE A 202 -0.90 2.87 -20.91
CA PHE A 202 -0.89 1.74 -21.80
C PHE A 202 -2.17 0.81 -21.65
N ASP A 203 -2.47 0.03 -22.66
CA ASP A 203 -3.54 -0.88 -22.53
C ASP A 203 -3.05 -2.15 -21.79
N PHE A 204 -3.25 -2.24 -20.46
CA PHE A 204 -2.77 -3.40 -19.76
C PHE A 204 -3.49 -4.75 -20.20
N ASN A 205 -4.68 -4.65 -20.83
CA ASN A 205 -5.36 -5.88 -21.31
C ASN A 205 -4.58 -6.50 -22.45
N ALA A 206 -4.39 -5.73 -23.55
CA ALA A 206 -3.58 -6.27 -24.72
C ALA A 206 -2.24 -6.77 -24.28
N LEU A 207 -1.60 -6.08 -23.34
CA LEU A 207 -0.28 -6.54 -22.84
C LEU A 207 -0.40 -7.84 -22.08
N LYS A 208 -1.50 -8.05 -21.30
CA LYS A 208 -1.69 -9.35 -20.61
C LYS A 208 -1.87 -10.48 -21.62
N GLU A 209 -2.60 -10.19 -22.71
CA GLU A 209 -2.75 -11.18 -23.79
C GLU A 209 -1.38 -11.53 -24.43
N LEU A 210 -0.55 -10.52 -24.65
CA LEU A 210 0.79 -10.73 -25.23
C LEU A 210 1.70 -11.60 -24.34
N LEU A 211 1.76 -11.29 -23.05
CA LEU A 211 2.67 -12.02 -22.16
C LEU A 211 2.10 -13.38 -21.56
N SER A 212 0.78 -13.51 -21.37
CA SER A 212 0.23 -14.77 -20.78
C SER A 212 -0.67 -15.58 -21.74
N GLY A 213 -1.08 -14.99 -22.90
CA GLY A 213 -1.96 -15.71 -23.89
C GLY A 213 -1.28 -16.93 -24.60
N PRO A 214 -1.98 -17.60 -25.54
CA PRO A 214 -1.45 -18.83 -26.29
C PRO A 214 -0.09 -18.61 -26.95
N ASN A 215 0.09 -17.47 -27.62
CA ASN A 215 1.41 -17.16 -28.23
C ASN A 215 2.53 -16.94 -27.16
N ARG A 216 2.19 -16.24 -26.05
CA ARG A 216 3.14 -15.96 -24.92
C ARG A 216 4.53 -15.43 -25.34
N LEU A 217 4.65 -14.14 -25.48
CA LEU A 217 5.94 -13.55 -25.83
C LEU A 217 7.02 -13.81 -24.75
N LYS A 218 7.93 -14.75 -24.98
CA LYS A 218 8.93 -15.08 -23.98
C LYS A 218 9.95 -13.97 -23.74
N ILE A 219 9.72 -13.15 -22.73
CA ILE A 219 10.60 -12.06 -22.45
C ILE A 219 11.63 -12.33 -21.35
N ARG A 220 12.64 -11.43 -21.24
CA ARG A 220 13.65 -11.53 -20.17
C ARG A 220 13.99 -10.10 -19.69
N ILE A 221 13.61 -9.75 -18.48
CA ILE A 221 13.87 -8.40 -18.01
C ILE A 221 14.88 -8.39 -16.90
N ASP A 222 16.04 -7.79 -17.17
CA ASP A 222 17.09 -7.71 -16.15
C ASP A 222 17.04 -6.36 -15.38
N ALA A 223 16.77 -6.41 -14.08
CA ALA A 223 16.75 -5.19 -13.30
C ALA A 223 18.13 -4.80 -12.75
N MET A 224 19.14 -5.56 -13.06
CA MET A 224 20.54 -5.29 -12.56
C MET A 224 20.69 -5.07 -11.02
N HIS A 225 19.77 -5.62 -10.23
CA HIS A 225 19.78 -5.43 -8.76
C HIS A 225 19.52 -3.97 -8.33
N GLY A 226 19.01 -3.17 -9.21
CA GLY A 226 18.71 -1.77 -8.86
C GLY A 226 17.22 -1.58 -8.38
N VAL A 227 16.77 -0.32 -8.28
CA VAL A 227 15.41 -0.05 -7.76
C VAL A 227 14.24 -0.61 -8.68
N VAL A 228 14.46 -0.81 -9.98
CA VAL A 228 13.35 -1.31 -10.86
C VAL A 228 12.92 -2.71 -10.51
N GLY A 229 13.67 -3.42 -9.71
CA GLY A 229 13.26 -4.83 -9.34
C GLY A 229 11.78 -5.01 -8.89
N PRO A 230 11.34 -4.36 -7.75
CA PRO A 230 9.97 -4.43 -7.28
C PRO A 230 9.01 -4.00 -8.33
N TYR A 231 9.39 -3.02 -9.17
CA TYR A 231 8.50 -2.55 -10.28
C TYR A 231 8.33 -3.62 -11.42
N VAL A 232 9.33 -4.41 -11.69
CA VAL A 232 9.20 -5.46 -12.71
C VAL A 232 8.33 -6.54 -12.22
N LYS A 233 8.61 -7.06 -10.98
CA LYS A 233 7.75 -8.16 -10.42
C LYS A 233 6.30 -7.73 -10.25
N LYS A 234 6.06 -6.61 -9.53
CA LYS A 234 4.65 -6.17 -9.31
C LYS A 234 3.88 -5.87 -10.61
N ILE A 235 4.52 -5.15 -11.58
CA ILE A 235 3.80 -4.80 -12.80
C ILE A 235 3.89 -5.84 -13.93
N LEU A 236 5.07 -6.18 -14.36
CA LEU A 236 5.19 -7.15 -15.51
C LEU A 236 4.84 -8.56 -15.12
N CYS A 237 5.24 -9.00 -13.91
CA CYS A 237 4.92 -10.38 -13.50
C CYS A 237 3.51 -10.53 -12.88
N GLU A 238 3.29 -10.01 -11.66
CA GLU A 238 1.98 -10.12 -11.00
C GLU A 238 0.79 -9.52 -11.87
N GLU A 239 0.87 -8.28 -12.24
CA GLU A 239 -0.23 -7.71 -12.98
C GLU A 239 -0.42 -8.17 -14.34
N LEU A 240 0.61 -8.09 -15.16
CA LEU A 240 0.49 -8.51 -16.62
C LEU A 240 0.63 -10.08 -16.86
N GLY A 241 1.03 -10.80 -15.87
CA GLY A 241 1.07 -12.23 -16.01
C GLY A 241 2.28 -12.78 -16.61
N ALA A 242 3.39 -12.13 -16.50
CA ALA A 242 4.61 -12.75 -17.09
C ALA A 242 5.25 -13.77 -16.08
N PRO A 243 5.59 -15.00 -16.50
CA PRO A 243 6.18 -16.00 -15.63
C PRO A 243 7.29 -15.47 -14.82
N ALA A 244 7.34 -15.75 -13.46
CA ALA A 244 8.46 -15.19 -12.61
C ALA A 244 9.86 -15.32 -13.22
N ASN A 245 10.11 -16.38 -14.00
CA ASN A 245 11.42 -16.59 -14.65
C ASN A 245 11.85 -15.41 -15.53
N SER A 246 10.91 -14.59 -15.98
CA SER A 246 11.25 -13.43 -16.81
C SER A 246 11.97 -12.34 -16.02
N ALA A 247 11.63 -12.15 -14.74
CA ALA A 247 12.26 -11.09 -13.94
C ALA A 247 13.59 -11.48 -13.32
N VAL A 248 14.68 -11.35 -14.08
CA VAL A 248 16.05 -11.71 -13.56
C VAL A 248 16.76 -10.56 -12.82
N ASN A 249 17.34 -10.87 -11.65
CA ASN A 249 18.05 -9.86 -10.79
C ASN A 249 17.10 -8.76 -10.22
N CYS A 250 15.80 -9.08 -10.02
CA CYS A 250 14.83 -8.06 -9.54
C CYS A 250 14.85 -7.76 -8.03
N VAL A 251 15.94 -8.00 -7.35
CA VAL A 251 15.99 -7.68 -5.91
C VAL A 251 17.05 -6.57 -5.62
N PRO A 252 16.61 -5.38 -5.17
CA PRO A 252 17.51 -4.24 -4.85
C PRO A 252 18.62 -4.57 -3.81
N LEU A 253 19.89 -4.62 -4.27
CA LEU A 253 21.00 -4.90 -3.37
C LEU A 253 21.86 -3.58 -3.13
N GLU A 254 22.30 -3.31 -1.90
CA GLU A 254 23.10 -2.06 -1.64
C GLU A 254 24.36 -1.94 -2.49
N ASP A 255 24.90 -3.08 -2.94
CA ASP A 255 26.11 -3.05 -3.81
C ASP A 255 25.75 -3.42 -5.25
N PHE A 256 24.45 -3.49 -5.57
CA PHE A 256 23.98 -3.89 -6.94
C PHE A 256 24.59 -5.25 -7.39
N GLY A 257 24.97 -6.09 -6.36
CA GLY A 257 25.59 -7.40 -6.63
C GLY A 257 27.03 -7.24 -7.01
N GLY A 258 27.66 -6.17 -6.56
CA GLY A 258 29.08 -5.94 -6.90
C GLY A 258 29.25 -5.54 -8.39
N HIS A 259 28.25 -4.86 -8.98
CA HIS A 259 28.34 -4.52 -10.38
C HIS A 259 27.72 -3.15 -10.74
N HIS A 260 28.12 -2.58 -11.91
CA HIS A 260 27.52 -1.30 -12.41
C HIS A 260 26.07 -1.49 -12.88
N PRO A 261 25.08 -0.76 -12.35
CA PRO A 261 23.68 -0.87 -12.78
C PRO A 261 23.52 -0.08 -14.06
N ASP A 262 24.23 -0.49 -15.13
CA ASP A 262 24.18 0.27 -16.41
C ASP A 262 23.81 -0.63 -17.63
N PRO A 263 22.68 -0.34 -18.30
CA PRO A 263 22.21 -1.09 -19.39
C PRO A 263 22.93 -0.81 -20.67
N ASN A 264 24.14 -1.30 -20.80
CA ASN A 264 24.86 -1.17 -22.09
C ASN A 264 25.43 -2.53 -22.47
N LEU A 265 25.89 -2.71 -23.72
CA LEU A 265 26.41 -4.06 -24.14
C LEU A 265 27.63 -4.57 -23.33
N THR A 266 28.40 -3.68 -22.71
CA THR A 266 29.56 -4.14 -21.90
C THR A 266 29.14 -4.59 -20.51
N TYR A 267 28.34 -3.79 -19.82
CA TYR A 267 27.93 -4.16 -18.45
C TYR A 267 26.73 -5.17 -18.39
N ALA A 268 25.81 -5.08 -19.38
CA ALA A 268 24.69 -6.01 -19.45
C ALA A 268 25.04 -7.18 -20.37
N ALA A 269 26.26 -7.67 -20.27
CA ALA A 269 26.70 -8.82 -21.07
C ALA A 269 25.94 -10.13 -20.76
N ASP A 270 25.72 -10.47 -19.45
CA ASP A 270 24.92 -11.72 -19.10
C ASP A 270 23.59 -11.80 -19.89
N LEU A 271 22.77 -10.78 -19.76
CA LEU A 271 21.50 -10.76 -20.49
C LEU A 271 21.71 -10.98 -22.00
N VAL A 272 22.71 -10.35 -22.64
CA VAL A 272 22.95 -10.56 -24.08
C VAL A 272 23.24 -12.01 -24.40
N GLU A 273 24.17 -12.64 -23.62
CA GLU A 273 24.49 -14.08 -23.85
C GLU A 273 23.22 -14.97 -23.68
N THR A 274 22.44 -14.73 -22.61
CA THR A 274 21.20 -15.46 -22.43
C THR A 274 20.22 -15.22 -23.64
N MET A 275 20.25 -14.03 -24.21
CA MET A 275 19.40 -13.72 -25.38
C MET A 275 19.93 -14.41 -26.61
N LYS A 276 21.25 -14.53 -26.73
CA LYS A 276 21.83 -15.21 -27.91
C LYS A 276 21.51 -16.72 -27.97
N SER A 277 20.93 -17.27 -26.88
CA SER A 277 20.52 -18.72 -26.88
C SER A 277 19.45 -18.97 -27.92
N GLY A 278 18.60 -17.94 -28.19
CA GLY A 278 17.54 -18.08 -29.18
C GLY A 278 16.13 -18.39 -28.55
N GLU A 279 16.09 -18.74 -27.25
CA GLU A 279 14.78 -19.03 -26.56
C GLU A 279 13.84 -17.82 -26.43
N HIS A 280 14.38 -16.66 -26.05
CA HIS A 280 13.54 -15.45 -25.82
C HIS A 280 13.36 -14.58 -27.06
N ASP A 281 12.21 -13.85 -27.15
CA ASP A 281 11.94 -12.96 -28.31
C ASP A 281 12.21 -11.50 -27.98
N PHE A 282 12.08 -11.14 -26.73
CA PHE A 282 12.34 -9.78 -26.31
C PHE A 282 13.08 -9.76 -24.96
N GLY A 283 14.11 -8.94 -24.88
CA GLY A 283 14.92 -8.84 -23.63
C GLY A 283 15.16 -7.37 -23.28
N ALA A 284 15.36 -7.04 -22.03
CA ALA A 284 15.59 -5.62 -21.67
C ALA A 284 16.28 -5.46 -20.36
N ALA A 285 17.07 -4.42 -20.21
CA ALA A 285 17.77 -4.18 -18.89
C ALA A 285 17.56 -2.72 -18.36
N PHE A 286 17.54 -2.53 -17.06
CA PHE A 286 17.37 -1.14 -16.52
C PHE A 286 18.62 -0.70 -15.70
N ASP A 287 18.68 0.62 -15.33
CA ASP A 287 19.83 1.15 -14.56
C ASP A 287 19.54 1.37 -13.05
N GLY A 288 20.48 1.98 -12.31
CA GLY A 288 20.28 2.24 -10.84
C GLY A 288 18.87 2.81 -10.45
N ASP A 289 18.61 4.11 -10.67
CA ASP A 289 17.28 4.68 -10.33
C ASP A 289 16.14 4.30 -11.30
N GLY A 290 16.45 3.60 -12.37
CA GLY A 290 15.37 3.12 -13.28
C GLY A 290 14.87 4.06 -14.41
N ASP A 291 15.55 5.16 -14.69
CA ASP A 291 15.10 6.00 -15.78
C ASP A 291 15.64 5.60 -17.17
N ARG A 292 16.50 4.55 -17.24
CA ARG A 292 17.10 4.11 -18.54
C ARG A 292 16.71 2.71 -18.93
N ASN A 293 16.98 2.31 -20.20
CA ASN A 293 16.61 0.96 -20.63
C ASN A 293 17.46 0.43 -21.77
N MET A 294 17.64 -0.89 -21.87
CA MET A 294 18.39 -1.47 -23.05
C MET A 294 17.47 -2.55 -23.76
N ILE A 295 17.07 -2.31 -24.99
CA ILE A 295 16.14 -3.21 -25.75
C ILE A 295 16.85 -4.26 -26.58
N LEU A 296 16.53 -5.54 -26.36
CA LEU A 296 17.17 -6.66 -27.15
C LEU A 296 16.13 -7.56 -27.81
N GLY A 297 16.35 -7.92 -29.06
CA GLY A 297 15.41 -8.80 -29.74
C GLY A 297 15.89 -10.26 -29.69
N LYS A 298 15.26 -11.15 -30.44
CA LYS A 298 15.67 -12.58 -30.45
C LYS A 298 17.17 -12.79 -30.89
N HIS A 299 17.89 -13.70 -30.26
CA HIS A 299 19.34 -13.95 -30.59
C HIS A 299 20.27 -12.79 -30.22
N GLY A 300 19.86 -11.91 -29.32
CA GLY A 300 20.74 -10.77 -28.92
C GLY A 300 20.61 -9.50 -29.82
N PHE A 301 19.65 -9.49 -30.75
CA PHE A 301 19.45 -8.32 -31.66
C PHE A 301 19.42 -6.99 -30.92
N PHE A 302 20.52 -6.27 -30.92
CA PHE A 302 20.58 -4.96 -30.22
C PHE A 302 19.86 -3.80 -30.89
N VAL A 303 18.95 -3.16 -30.17
CA VAL A 303 18.26 -2.04 -30.73
C VAL A 303 18.91 -0.75 -30.26
N ASN A 304 19.66 -0.11 -31.10
CA ASN A 304 20.31 1.16 -30.75
C ASN A 304 19.31 2.26 -30.16
N PRO A 305 19.60 2.81 -28.98
CA PRO A 305 18.78 3.86 -28.33
C PRO A 305 18.34 4.94 -29.19
N SER A 306 19.13 5.32 -30.13
CA SER A 306 18.73 6.41 -31.10
C SER A 306 17.66 5.94 -32.14
N ASP A 307 17.78 4.65 -32.58
CA ASP A 307 16.79 4.06 -33.44
C ASP A 307 15.51 3.73 -32.66
N SER A 308 15.66 3.32 -31.39
CA SER A 308 14.47 2.95 -30.53
C SER A 308 13.49 4.09 -30.41
N VAL A 309 13.95 5.33 -30.27
CA VAL A 309 12.98 6.50 -30.23
C VAL A 309 12.24 6.62 -31.56
N ALA A 310 12.97 6.39 -32.69
CA ALA A 310 12.38 6.46 -33.99
C ALA A 310 11.27 5.35 -34.17
N VAL A 311 11.51 4.14 -33.67
CA VAL A 311 10.51 3.08 -33.81
C VAL A 311 9.23 3.49 -33.04
N ILE A 312 9.39 3.83 -31.75
CA ILE A 312 8.23 4.26 -30.94
C ILE A 312 7.56 5.41 -31.60
N ALA A 313 8.31 6.35 -32.17
CA ALA A 313 7.66 7.53 -32.90
C ALA A 313 6.98 7.13 -34.21
N ALA A 314 7.52 6.14 -34.92
CA ALA A 314 6.86 5.71 -36.18
C ALA A 314 5.51 4.96 -35.92
N ASN A 315 5.43 4.25 -34.78
CA ASN A 315 4.21 3.52 -34.41
C ASN A 315 3.59 4.10 -33.10
N ILE A 316 3.89 5.35 -32.82
CA ILE A 316 3.45 5.98 -31.60
C ILE A 316 1.88 5.86 -31.30
N PHE A 317 1.05 5.83 -32.29
CA PHE A 317 -0.39 5.74 -32.05
C PHE A 317 -0.91 4.34 -31.55
N SER A 318 0.00 3.34 -31.44
CA SER A 318 -0.39 2.04 -30.85
C SER A 318 -0.62 2.19 -29.34
N ILE A 319 -0.14 3.28 -28.77
CA ILE A 319 -0.28 3.54 -27.35
C ILE A 319 -1.49 4.51 -27.03
N PRO A 320 -2.51 4.02 -26.27
CA PRO A 320 -3.73 4.82 -25.89
C PRO A 320 -3.42 6.21 -25.51
N TYR A 321 -2.44 6.39 -24.62
CA TYR A 321 -2.03 7.79 -24.18
C TYR A 321 -1.87 8.81 -25.36
N PHE A 322 -1.03 8.48 -26.32
CA PHE A 322 -0.81 9.38 -27.48
C PHE A 322 -2.03 9.49 -28.39
N GLN A 323 -2.95 8.47 -28.35
CA GLN A 323 -4.19 8.55 -29.16
C GLN A 323 -5.09 9.64 -28.61
N GLN A 324 -5.22 9.69 -27.30
CA GLN A 324 -6.08 10.71 -26.66
C GLN A 324 -5.37 12.04 -26.43
N THR A 325 -4.08 12.02 -26.31
CA THR A 325 -3.31 13.25 -26.06
C THR A 325 -2.69 13.90 -27.37
N GLY A 326 -2.43 13.13 -28.40
CA GLY A 326 -1.83 13.69 -29.61
C GLY A 326 -0.37 13.88 -29.49
N VAL A 327 0.31 14.28 -30.54
CA VAL A 327 1.82 14.48 -30.44
C VAL A 327 2.19 15.97 -30.64
N ARG A 328 2.54 16.65 -29.56
CA ARG A 328 2.89 18.09 -29.62
C ARG A 328 4.29 18.34 -30.30
N GLY A 329 5.15 17.33 -30.34
CA GLY A 329 6.48 17.51 -30.94
C GLY A 329 7.48 16.42 -30.54
N PHE A 330 8.47 16.22 -31.38
CA PHE A 330 9.52 15.23 -31.09
C PHE A 330 10.87 15.92 -30.75
N ALA A 331 11.70 15.29 -29.98
CA ALA A 331 12.99 15.91 -29.66
C ALA A 331 14.05 14.91 -29.30
N ARG A 332 15.26 15.26 -29.55
CA ARG A 332 16.36 14.42 -29.25
C ARG A 332 17.62 15.28 -28.88
N SER A 333 18.61 14.67 -28.29
CA SER A 333 19.80 15.39 -27.99
C SER A 333 20.75 15.44 -29.23
N MET A 334 21.50 16.52 -29.43
CA MET A 334 22.39 16.65 -30.60
C MET A 334 23.28 15.37 -30.92
N PRO A 335 23.99 14.77 -29.96
CA PRO A 335 24.82 13.60 -30.24
C PRO A 335 23.98 12.40 -30.80
N THR A 336 22.65 12.29 -30.36
CA THR A 336 21.76 11.16 -30.81
C THR A 336 21.56 11.11 -32.38
N SER A 337 21.60 9.90 -32.97
CA SER A 337 21.49 9.77 -34.45
C SER A 337 20.26 10.47 -35.11
N GLY A 338 20.30 10.60 -36.41
CA GLY A 338 19.20 11.26 -37.12
C GLY A 338 18.03 10.38 -37.44
N ALA A 339 17.93 9.17 -36.82
CA ALA A 339 16.74 8.23 -37.08
C ALA A 339 15.40 8.90 -36.72
N LEU A 340 15.29 9.50 -35.51
CA LEU A 340 14.03 10.14 -35.13
C LEU A 340 13.67 11.23 -36.06
N ASP A 341 14.70 11.92 -36.58
CA ASP A 341 14.52 13.08 -37.52
C ASP A 341 13.86 12.66 -38.80
N ARG A 342 14.30 11.52 -39.36
CA ARG A 342 13.69 11.03 -40.57
C ARG A 342 12.15 10.80 -40.36
N VAL A 343 11.79 10.31 -39.16
CA VAL A 343 10.34 10.06 -38.80
C VAL A 343 9.62 11.40 -38.60
N ALA A 344 10.20 12.31 -37.77
CA ALA A 344 9.58 13.63 -37.53
C ALA A 344 9.30 14.38 -38.81
N ASN A 345 10.24 14.36 -39.73
CA ASN A 345 10.05 15.07 -41.03
C ASN A 345 9.04 14.43 -41.94
N ALA A 346 8.74 13.17 -41.73
CA ALA A 346 7.70 12.51 -42.55
C ALA A 346 6.31 12.85 -42.07
N THR A 347 6.22 13.69 -41.03
CA THR A 347 4.91 14.10 -40.50
C THR A 347 4.86 15.65 -40.26
N LYS A 348 3.65 16.24 -40.02
CA LYS A 348 3.58 17.70 -39.80
C LYS A 348 3.94 18.11 -38.36
N ILE A 349 4.79 17.27 -37.68
CA ILE A 349 5.12 17.51 -36.24
C ILE A 349 6.55 18.11 -36.03
N ALA A 350 6.67 19.13 -35.15
CA ALA A 350 8.00 19.77 -34.94
C ALA A 350 9.06 18.86 -34.38
N LEU A 351 10.31 19.15 -34.67
CA LEU A 351 11.46 18.36 -34.14
C LEU A 351 12.51 19.26 -33.49
N TYR A 352 12.97 18.91 -32.29
CA TYR A 352 13.95 19.77 -31.61
C TYR A 352 15.29 19.08 -31.30
N GLU A 353 16.38 19.67 -31.75
CA GLU A 353 17.71 19.14 -31.41
C GLU A 353 18.23 19.87 -30.13
N THR A 354 18.38 19.14 -29.04
CA THR A 354 18.70 19.76 -27.74
C THR A 354 20.04 19.24 -27.14
N PRO A 355 20.73 20.04 -26.31
CA PRO A 355 21.97 19.63 -25.65
C PRO A 355 21.71 18.46 -24.71
N THR A 356 22.66 17.52 -24.67
CA THR A 356 22.55 16.28 -23.85
C THR A 356 22.44 16.69 -22.35
N GLY A 357 21.45 16.08 -21.71
CA GLY A 357 21.10 16.34 -20.29
C GLY A 357 19.61 16.69 -20.19
N TRP A 358 18.82 15.66 -19.97
CA TRP A 358 17.33 15.69 -19.91
C TRP A 358 16.72 17.08 -19.63
N LYS A 359 17.23 17.86 -18.61
CA LYS A 359 16.64 19.26 -18.26
C LYS A 359 16.12 20.13 -19.51
N PHE A 360 16.79 20.04 -20.65
CA PHE A 360 16.35 20.77 -21.81
C PHE A 360 14.98 20.30 -22.30
N PHE A 361 14.76 18.95 -22.34
CA PHE A 361 13.42 18.40 -22.80
C PHE A 361 12.27 18.94 -21.91
N GLY A 362 12.48 18.98 -20.60
CA GLY A 362 11.44 19.45 -19.65
C GLY A 362 10.92 20.74 -19.99
N ASN A 363 11.76 21.66 -20.41
CA ASN A 363 11.26 23.04 -20.80
C ASN A 363 10.30 22.99 -21.98
N LEU A 364 10.59 22.12 -22.97
CA LEU A 364 9.69 21.97 -24.10
C LEU A 364 8.36 21.24 -23.66
N MET A 365 8.47 20.28 -22.74
CA MET A 365 7.27 19.57 -22.21
C MET A 365 6.35 20.52 -21.45
N ASP A 366 6.90 21.38 -20.54
CA ASP A 366 6.06 22.36 -19.78
C ASP A 366 5.37 23.35 -20.70
N ALA A 367 6.05 23.75 -21.80
CA ALA A 367 5.42 24.65 -22.80
C ALA A 367 4.55 23.85 -23.84
N SER A 368 4.14 22.59 -23.47
CA SER A 368 3.33 21.71 -24.37
C SER A 368 3.83 21.58 -25.82
N LYS A 369 5.16 21.51 -26.00
CA LYS A 369 5.73 21.36 -27.36
C LYS A 369 6.44 20.02 -27.57
N LEU A 370 6.54 19.23 -26.50
CA LEU A 370 7.23 17.93 -26.61
C LEU A 370 6.37 16.74 -26.07
N SER A 371 6.26 15.65 -26.88
CA SER A 371 5.50 14.47 -26.47
C SER A 371 6.36 13.30 -26.36
N LEU A 372 7.25 13.08 -27.32
CA LEU A 372 8.18 11.91 -27.23
C LEU A 372 9.68 12.35 -27.45
N CYS A 373 10.57 11.93 -26.59
CA CYS A 373 12.00 12.31 -26.74
C CYS A 373 12.94 11.20 -26.24
N GLY A 374 14.18 11.23 -26.67
CA GLY A 374 15.14 10.18 -26.25
C GLY A 374 16.65 10.61 -26.42
N GLU A 375 17.49 9.95 -25.73
CA GLU A 375 18.91 10.23 -25.80
C GLU A 375 19.67 8.98 -26.11
N GLU A 376 20.76 9.11 -26.86
CA GLU A 376 21.54 7.92 -27.24
C GLU A 376 22.14 7.18 -25.99
N SER A 377 22.07 7.82 -24.87
CA SER A 377 22.52 7.19 -23.61
C SER A 377 21.42 6.28 -23.00
N PHE A 378 20.77 5.41 -23.83
CA PHE A 378 19.70 4.48 -23.34
C PHE A 378 18.61 5.18 -22.56
N GLY A 379 18.18 6.34 -23.02
CA GLY A 379 17.15 7.05 -22.31
C GLY A 379 15.97 7.38 -23.21
N THR A 380 14.75 6.97 -22.78
CA THR A 380 13.53 7.31 -23.57
C THR A 380 12.45 7.82 -22.67
N GLY A 381 11.51 8.67 -23.18
CA GLY A 381 10.42 9.19 -22.29
C GLY A 381 9.33 9.93 -23.01
N SER A 382 8.51 10.61 -22.27
CA SER A 382 7.41 11.37 -22.88
C SER A 382 6.85 12.43 -21.86
N ASP A 383 5.94 13.29 -22.29
CA ASP A 383 5.41 14.30 -21.38
C ASP A 383 4.59 13.72 -20.21
N HIS A 384 4.39 12.38 -20.15
CA HIS A 384 3.61 11.79 -19.02
C HIS A 384 4.25 12.12 -17.57
N ILE A 385 5.53 12.43 -17.54
CA ILE A 385 6.22 12.83 -16.32
C ILE A 385 7.35 13.80 -16.67
N ARG A 386 8.20 14.21 -15.73
CA ARG A 386 9.31 15.10 -16.12
C ARG A 386 10.70 14.47 -15.93
N GLU A 387 10.76 13.16 -16.11
CA GLU A 387 12.00 12.43 -15.99
C GLU A 387 12.04 11.33 -17.01
N LYS A 388 13.17 10.64 -17.20
CA LYS A 388 13.14 9.51 -18.18
C LYS A 388 12.39 8.32 -17.59
N ASP A 389 12.15 7.29 -18.36
CA ASP A 389 11.45 6.15 -17.80
C ASP A 389 11.72 4.85 -18.58
N GLY A 390 12.64 4.03 -18.08
CA GLY A 390 12.97 2.79 -18.73
C GLY A 390 11.81 1.82 -18.79
N LEU A 391 11.11 1.60 -17.66
CA LEU A 391 9.95 0.65 -17.67
C LEU A 391 8.86 1.15 -18.62
N TRP A 392 8.76 2.49 -18.81
CA TRP A 392 7.80 3.07 -19.77
C TRP A 392 8.21 2.68 -21.20
N ALA A 393 9.49 2.83 -21.56
CA ALA A 393 9.97 2.44 -22.92
C ALA A 393 9.77 0.94 -23.20
N VAL A 394 9.99 0.08 -22.15
CA VAL A 394 9.75 -1.36 -22.27
C VAL A 394 8.24 -1.64 -22.53
N LEU A 395 7.37 -1.11 -21.74
CA LEU A 395 5.94 -1.32 -22.03
C LEU A 395 5.48 -0.67 -23.44
N ALA A 396 6.14 0.35 -23.85
CA ALA A 396 5.83 0.94 -25.15
C ALA A 396 6.26 -0.04 -26.27
N TRP A 397 7.42 -0.70 -26.09
CA TRP A 397 7.85 -1.69 -27.06
C TRP A 397 6.95 -2.92 -27.05
N LEU A 398 6.46 -3.31 -25.85
CA LEU A 398 5.50 -4.44 -25.75
C LEU A 398 4.15 -4.01 -26.41
N SER A 399 3.76 -2.72 -26.28
CA SER A 399 2.54 -2.25 -26.97
C SER A 399 2.69 -2.35 -28.48
N ILE A 400 3.85 -1.88 -29.02
CA ILE A 400 4.13 -1.98 -30.48
C ILE A 400 4.15 -3.49 -30.93
N LEU A 401 4.81 -4.36 -30.14
CA LEU A 401 4.84 -5.76 -30.47
C LEU A 401 3.43 -6.38 -30.50
N ALA A 402 2.57 -6.10 -29.50
CA ALA A 402 1.16 -6.67 -29.52
C ALA A 402 0.34 -6.19 -30.74
N THR A 403 0.57 -4.92 -31.21
CA THR A 403 -0.16 -4.36 -32.41
C THR A 403 0.37 -4.96 -33.68
N ARG A 404 1.71 -4.99 -33.82
CA ARG A 404 2.32 -5.50 -35.03
C ARG A 404 2.28 -7.00 -35.17
N LYS A 405 2.48 -7.70 -34.08
CA LYS A 405 2.57 -9.20 -34.09
C LYS A 405 3.86 -9.72 -34.81
N GLN A 406 4.83 -8.79 -35.03
CA GLN A 406 6.11 -9.14 -35.69
C GLN A 406 7.24 -9.19 -34.70
N SER A 407 8.37 -9.77 -35.05
CA SER A 407 9.50 -9.83 -34.11
C SER A 407 10.25 -8.47 -34.03
N VAL A 408 11.04 -8.23 -32.95
CA VAL A 408 11.80 -6.97 -32.84
C VAL A 408 12.72 -6.72 -34.10
N GLU A 409 13.28 -7.80 -34.69
CA GLU A 409 14.17 -7.65 -35.88
C GLU A 409 13.37 -7.23 -37.13
N ASP A 410 12.17 -7.79 -37.30
CA ASP A 410 11.35 -7.44 -38.44
C ASP A 410 10.78 -6.03 -38.35
N ILE A 411 10.39 -5.58 -37.16
CA ILE A 411 9.89 -4.20 -37.02
C ILE A 411 10.97 -3.18 -37.46
N LEU A 412 12.25 -3.44 -37.04
CA LEU A 412 13.36 -2.55 -37.42
C LEU A 412 13.75 -2.69 -38.90
N LYS A 413 13.66 -3.91 -39.48
CA LYS A 413 13.93 -4.05 -40.94
C LYS A 413 12.89 -3.22 -41.74
N ASP A 414 11.63 -3.27 -41.33
CA ASP A 414 10.61 -2.50 -41.99
C ASP A 414 10.91 -1.01 -41.79
N HIS A 415 11.28 -0.63 -40.55
CA HIS A 415 11.62 0.79 -40.23
C HIS A 415 12.78 1.31 -41.05
N TRP A 416 13.89 0.55 -41.07
CA TRP A 416 15.14 0.92 -41.86
C TRP A 416 14.89 0.96 -43.34
N HIS A 417 13.87 0.23 -43.84
CA HIS A 417 13.56 0.29 -45.28
C HIS A 417 12.73 1.44 -45.62
N LYS A 418 11.76 1.78 -44.78
CA LYS A 418 10.88 2.93 -45.04
C LYS A 418 11.59 4.29 -44.88
N PHE A 419 12.35 4.47 -43.77
CA PHE A 419 13.06 5.77 -43.54
C PHE A 419 14.57 5.68 -43.83
N GLY A 420 15.07 4.49 -44.16
CA GLY A 420 16.48 4.34 -44.36
C GLY A 420 17.18 4.01 -43.01
N ARG A 421 18.49 3.63 -43.04
CA ARG A 421 19.19 3.32 -41.76
C ARG A 421 20.22 4.37 -41.28
N ASN A 422 20.05 4.88 -40.11
CA ASN A 422 20.97 5.79 -39.56
C ASN A 422 21.97 5.02 -38.70
N PHE A 423 22.99 4.42 -39.32
CA PHE A 423 24.04 3.64 -38.54
C PHE A 423 24.68 4.48 -37.42
N PHE A 424 24.67 3.98 -36.21
CA PHE A 424 25.21 4.73 -35.10
C PHE A 424 26.09 3.89 -34.22
N THR A 425 27.14 4.50 -33.70
CA THR A 425 28.11 3.80 -32.77
C THR A 425 28.81 4.84 -31.87
N ARG A 426 29.09 4.54 -30.62
CA ARG A 426 29.72 5.54 -29.78
C ARG A 426 31.17 5.20 -29.35
N TYR A 427 32.13 5.96 -29.95
CA TYR A 427 33.58 5.78 -29.68
C TYR A 427 34.06 6.71 -28.56
N ASP A 428 34.11 6.25 -27.30
CA ASP A 428 34.58 7.14 -26.24
C ASP A 428 36.15 7.07 -26.04
N TYR A 429 36.87 8.09 -26.50
CA TYR A 429 38.31 8.13 -26.29
C TYR A 429 38.59 8.61 -24.87
N GLU A 430 38.80 7.66 -23.94
CA GLU A 430 39.01 7.99 -22.51
C GLU A 430 40.37 8.66 -22.11
N GLU A 431 40.30 9.67 -21.17
CA GLU A 431 41.52 10.34 -20.61
C GLU A 431 42.73 10.60 -21.60
N VAL A 432 42.64 11.60 -22.45
CA VAL A 432 43.78 11.95 -23.32
C VAL A 432 44.55 13.28 -22.79
N GLU A 433 45.75 13.58 -23.34
CA GLU A 433 46.46 14.78 -22.86
C GLU A 433 45.84 16.11 -23.38
N ALA A 434 45.45 17.01 -22.40
CA ALA A 434 44.75 18.35 -22.68
C ALA A 434 45.21 19.14 -23.94
N GLU A 435 46.52 19.48 -24.05
CA GLU A 435 47.03 20.23 -25.23
C GLU A 435 46.70 19.49 -26.63
N GLY A 436 47.09 18.20 -26.77
CA GLY A 436 46.81 17.46 -28.03
C GLY A 436 45.31 17.46 -28.39
N ALA A 437 44.42 17.25 -27.38
CA ALA A 437 42.93 17.24 -27.65
C ALA A 437 42.42 18.64 -28.09
N THR A 438 42.72 19.69 -27.29
CA THR A 438 42.29 21.06 -27.66
C THR A 438 42.79 21.44 -29.03
N LYS A 439 44.08 21.12 -29.33
CA LYS A 439 44.66 21.43 -30.66
C LYS A 439 43.92 20.68 -31.79
N MET A 440 43.73 19.35 -31.61
CA MET A 440 42.98 18.54 -32.63
C MET A 440 41.61 19.17 -32.90
N MET A 441 40.90 19.52 -31.82
CA MET A 441 39.58 20.15 -31.97
C MET A 441 39.66 21.53 -32.67
N LYS A 442 40.70 22.35 -32.31
CA LYS A 442 40.90 23.69 -32.94
C LYS A 442 41.32 23.57 -34.45
N ASP A 443 42.18 22.60 -34.74
CA ASP A 443 42.63 22.42 -36.06
C ASP A 443 41.47 22.04 -36.95
N LEU A 444 40.73 20.95 -36.58
CA LEU A 444 39.57 20.51 -37.38
C LEU A 444 38.48 21.59 -37.42
N GLU A 445 38.31 22.37 -36.27
CA GLU A 445 37.33 23.51 -36.23
C GLU A 445 37.65 24.51 -37.41
N ALA A 446 38.96 24.96 -37.48
CA ALA A 446 39.39 25.85 -38.56
C ALA A 446 39.23 25.18 -39.95
N LEU A 447 39.55 23.90 -40.02
CA LEU A 447 39.38 23.19 -41.26
C LEU A 447 37.87 23.17 -41.70
N MET A 448 36.95 23.08 -40.72
CA MET A 448 35.49 23.09 -41.02
C MET A 448 35.00 24.51 -41.39
N PHE A 449 35.82 25.53 -41.06
CA PHE A 449 35.46 26.90 -41.42
C PHE A 449 36.27 27.41 -42.63
N ASP A 450 36.86 26.47 -43.40
CA ASP A 450 37.57 26.84 -44.62
C ASP A 450 36.55 27.25 -45.72
N ARG A 451 36.73 28.45 -46.33
CA ARG A 451 35.77 28.93 -47.39
C ARG A 451 35.45 27.81 -48.47
N SER A 452 36.46 26.99 -48.84
CA SER A 452 36.24 25.86 -49.83
C SER A 452 35.93 24.52 -49.14
N PHE A 453 35.40 24.53 -47.89
CA PHE A 453 35.09 23.26 -47.19
C PHE A 453 33.68 22.76 -47.58
N VAL A 454 32.63 23.58 -47.36
CA VAL A 454 31.29 23.15 -47.77
C VAL A 454 31.26 22.92 -49.33
N GLY A 455 30.91 21.73 -49.76
CA GLY A 455 30.96 21.44 -51.19
C GLY A 455 32.16 20.50 -51.51
N LYS A 456 33.18 20.47 -50.63
CA LYS A 456 34.35 19.55 -50.85
C LYS A 456 33.86 18.03 -50.86
N GLN A 457 34.50 17.17 -51.68
CA GLN A 457 34.02 15.74 -51.74
C GLN A 457 34.99 14.72 -51.07
N PHE A 458 34.51 14.00 -50.04
CA PHE A 458 35.32 12.94 -49.39
C PHE A 458 35.01 11.60 -50.08
N SER A 459 35.93 10.65 -50.07
CA SER A 459 35.65 9.33 -50.70
C SER A 459 36.41 8.17 -50.03
N ALA A 460 35.69 7.11 -49.63
CA ALA A 460 36.35 5.94 -49.03
C ALA A 460 35.57 4.60 -49.31
N ASN A 461 36.22 3.64 -50.00
CA ASN A 461 35.56 2.35 -50.34
C ASN A 461 34.35 2.49 -51.31
N ASP A 462 33.10 2.78 -50.81
CA ASP A 462 31.94 2.87 -51.75
C ASP A 462 31.18 4.28 -51.80
N LYS A 463 31.05 4.99 -50.66
CA LYS A 463 30.30 6.26 -50.68
C LYS A 463 31.15 7.52 -50.74
N VAL A 464 30.75 8.46 -51.62
CA VAL A 464 31.44 9.78 -51.73
C VAL A 464 30.70 10.84 -50.80
N TYR A 465 31.35 11.29 -49.75
CA TYR A 465 30.67 12.20 -48.83
C TYR A 465 30.94 13.72 -49.08
N THR A 466 30.00 14.41 -49.70
CA THR A 466 30.17 15.87 -49.94
C THR A 466 29.66 16.71 -48.73
N VAL A 467 30.50 17.60 -48.19
CA VAL A 467 30.10 18.43 -46.97
C VAL A 467 28.99 19.47 -47.26
N GLU A 468 27.73 19.25 -46.73
CA GLU A 468 26.61 20.26 -46.95
C GLU A 468 26.65 21.34 -45.87
N LYS A 469 26.91 20.95 -44.67
CA LYS A 469 26.99 21.89 -43.59
C LYS A 469 28.07 21.46 -42.56
N ALA A 470 28.82 22.42 -42.07
CA ALA A 470 29.84 22.13 -41.06
C ALA A 470 29.84 23.22 -39.98
N ASP A 471 29.46 22.89 -38.77
CA ASP A 471 29.40 23.91 -37.72
C ASP A 471 29.69 23.38 -36.27
N ASN A 472 29.89 24.33 -35.37
CA ASN A 472 30.12 24.05 -33.98
C ASN A 472 28.78 24.23 -33.26
N PHE A 473 28.07 23.12 -32.99
CA PHE A 473 26.69 23.16 -32.36
C PHE A 473 26.46 24.09 -31.09
N GLU A 474 25.48 25.01 -31.20
CA GLU A 474 25.13 25.88 -30.07
C GLU A 474 23.61 25.90 -29.87
N TYR A 475 23.12 26.07 -28.63
CA TYR A 475 21.65 26.00 -28.41
C TYR A 475 21.01 27.23 -27.76
N HIS A 476 19.77 27.58 -28.17
CA HIS A 476 19.02 28.70 -27.51
C HIS A 476 17.69 28.12 -26.93
N ASP A 477 17.61 27.86 -25.65
CA ASP A 477 16.41 27.31 -25.12
C ASP A 477 15.23 28.34 -25.13
N PRO A 478 14.08 27.98 -25.80
CA PRO A 478 12.90 28.86 -25.93
C PRO A 478 12.21 29.20 -24.64
N VAL A 479 12.56 28.54 -23.52
CA VAL A 479 11.87 28.87 -22.24
C VAL A 479 12.79 29.66 -21.25
N ASP A 480 14.01 29.20 -21.00
CA ASP A 480 14.87 29.93 -20.08
C ASP A 480 15.70 31.12 -20.80
N GLY A 481 15.82 31.07 -22.13
CA GLY A 481 16.55 32.14 -22.84
C GLY A 481 18.10 31.94 -22.87
N SER A 482 18.62 30.86 -22.25
CA SER A 482 20.13 30.64 -22.24
C SER A 482 20.72 30.20 -23.59
N VAL A 483 22.03 30.48 -23.79
CA VAL A 483 22.68 30.09 -25.05
C VAL A 483 23.89 29.23 -24.79
N SER A 484 23.75 27.88 -24.94
CA SER A 484 24.90 26.96 -24.73
C SER A 484 25.75 26.80 -26.04
N LYS A 485 26.94 27.48 -26.09
CA LYS A 485 27.78 27.41 -27.32
C LYS A 485 28.84 26.22 -27.33
N ASN A 486 29.60 26.08 -28.51
CA ASN A 486 30.65 25.03 -28.72
C ASN A 486 30.32 23.61 -28.15
N GLN A 487 29.06 23.18 -28.28
CA GLN A 487 28.66 21.88 -27.74
C GLN A 487 29.23 20.64 -28.48
N GLY A 488 29.71 20.80 -29.71
CA GLY A 488 30.26 19.61 -30.44
C GLY A 488 30.51 19.85 -31.96
N LEU A 489 31.61 19.37 -32.48
CA LEU A 489 31.91 19.60 -33.90
C LEU A 489 31.05 18.73 -34.81
N ARG A 490 30.16 19.37 -35.60
CA ARG A 490 29.27 18.61 -36.46
C ARG A 490 29.65 18.60 -37.96
N LEU A 491 30.26 17.50 -38.43
CA LEU A 491 30.57 17.38 -39.88
C LEU A 491 29.37 16.75 -40.63
N ILE A 492 28.61 17.56 -41.34
CA ILE A 492 27.42 17.03 -41.99
C ILE A 492 27.51 16.89 -43.57
N PHE A 493 27.03 15.76 -44.11
CA PHE A 493 27.09 15.54 -45.57
C PHE A 493 25.72 15.60 -46.20
N ALA A 494 25.61 16.21 -47.40
CA ALA A 494 24.27 16.37 -48.12
C ALA A 494 23.35 15.06 -48.27
N ASP A 495 23.94 13.88 -48.31
CA ASP A 495 23.13 12.63 -48.40
C ASP A 495 22.30 12.36 -47.13
N GLY A 496 22.74 12.93 -46.00
CA GLY A 496 22.05 12.71 -44.76
C GLY A 496 22.99 12.12 -43.73
N SER A 497 24.30 11.89 -44.11
CA SER A 497 25.30 11.29 -43.14
C SER A 497 25.95 12.35 -42.24
N ARG A 498 26.45 11.97 -41.06
CA ARG A 498 27.04 12.99 -40.15
C ARG A 498 28.06 12.40 -39.16
N ILE A 499 29.02 13.19 -38.76
CA ILE A 499 30.02 12.77 -37.75
C ILE A 499 30.01 13.77 -36.63
N ILE A 500 30.05 13.33 -35.37
CA ILE A 500 29.99 14.30 -34.21
C ILE A 500 31.16 14.21 -33.24
N PHE A 501 31.73 15.39 -32.87
CA PHE A 501 32.85 15.40 -31.87
C PHE A 501 32.48 16.12 -30.59
N ARG A 502 32.50 15.42 -29.43
CA ARG A 502 32.19 16.07 -28.17
C ARG A 502 33.35 15.90 -27.17
N LEU A 503 34.32 16.89 -27.16
CA LEU A 503 35.51 16.78 -26.25
C LEU A 503 35.18 17.08 -24.79
N SER A 504 34.70 16.08 -24.06
CA SER A 504 34.35 16.26 -22.64
C SER A 504 35.53 15.99 -21.72
N GLY A 505 36.20 17.02 -21.22
CA GLY A 505 37.36 16.77 -20.39
C GLY A 505 37.28 17.38 -18.98
N THR A 506 38.37 17.26 -18.18
CA THR A 506 38.37 17.84 -16.81
C THR A 506 39.75 18.36 -16.42
N GLY A 507 39.80 19.43 -15.61
CA GLY A 507 41.09 19.94 -15.10
C GLY A 507 41.49 19.08 -13.89
N SER A 508 41.52 17.77 -14.08
CA SER A 508 41.81 16.87 -12.96
C SER A 508 42.54 15.62 -13.43
N ALA A 509 41.82 14.66 -14.03
CA ALA A 509 42.49 13.43 -14.50
C ALA A 509 42.85 13.48 -15.95
N GLY A 510 41.96 14.03 -16.79
CA GLY A 510 42.26 14.07 -18.24
C GLY A 510 41.10 14.56 -19.12
N ALA A 511 41.22 14.40 -20.47
CA ALA A 511 40.13 14.85 -21.35
C ALA A 511 39.58 13.70 -22.30
N THR A 512 38.21 13.51 -22.33
CA THR A 512 37.62 12.47 -23.20
C THR A 512 37.09 12.99 -24.48
N ILE A 513 37.52 12.36 -25.58
CA ILE A 513 37.05 12.73 -26.90
C ILE A 513 35.92 11.77 -27.32
N ARG A 514 34.65 12.24 -27.20
CA ARG A 514 33.51 11.39 -27.57
C ARG A 514 33.18 11.48 -29.03
N LEU A 515 33.48 10.39 -29.74
CA LEU A 515 33.21 10.34 -31.14
C LEU A 515 31.84 9.64 -31.44
N TYR A 516 30.88 10.37 -32.09
CA TYR A 516 29.59 9.76 -32.45
C TYR A 516 29.47 9.63 -33.98
N ILE A 517 29.30 8.43 -34.50
CA ILE A 517 29.17 8.31 -35.94
C ILE A 517 27.71 8.08 -36.33
N ASP A 518 27.19 8.92 -37.22
CA ASP A 518 25.78 8.78 -37.69
C ASP A 518 25.74 8.53 -39.23
N SER A 519 26.00 7.30 -39.65
CA SER A 519 26.03 7.00 -41.10
C SER A 519 24.70 6.68 -41.69
N TYR A 520 24.09 7.62 -42.38
CA TYR A 520 22.80 7.37 -42.97
C TYR A 520 22.88 6.59 -44.29
N GLU A 521 22.07 5.55 -44.42
CA GLU A 521 22.09 4.76 -45.65
C GLU A 521 20.68 4.53 -46.16
N LYS A 522 20.43 4.77 -47.44
CA LYS A 522 19.05 4.57 -47.98
C LYS A 522 18.92 3.38 -48.99
N ASP A 523 20.05 2.73 -49.36
CA ASP A 523 19.96 1.60 -50.32
C ASP A 523 19.30 0.32 -49.74
N ASN A 524 18.20 -0.12 -50.39
CA ASN A 524 17.45 -1.33 -49.99
C ASN A 524 18.37 -2.58 -49.55
N ALA A 525 19.49 -2.80 -50.27
CA ALA A 525 20.37 -3.94 -49.95
C ALA A 525 21.42 -3.66 -48.84
N LYS A 526 22.25 -2.61 -49.00
CA LYS A 526 23.36 -2.30 -47.98
C LYS A 526 22.89 -2.14 -46.46
N ILE A 527 21.66 -1.64 -46.23
CA ILE A 527 21.15 -1.44 -44.85
C ILE A 527 21.22 -2.70 -43.95
N ASN A 528 21.07 -3.94 -44.52
CA ASN A 528 21.09 -5.17 -43.66
C ASN A 528 22.48 -5.70 -43.36
N GLN A 529 23.50 -4.98 -43.75
CA GLN A 529 24.86 -5.42 -43.47
C GLN A 529 25.44 -4.86 -42.12
N ASP A 530 26.40 -5.58 -41.55
CA ASP A 530 27.00 -5.18 -40.24
C ASP A 530 27.43 -3.69 -40.08
N PRO A 531 26.99 -3.03 -38.97
CA PRO A 531 27.32 -1.62 -38.65
C PRO A 531 28.80 -1.35 -38.71
N GLN A 532 29.63 -2.18 -38.07
CA GLN A 532 31.16 -1.90 -38.09
C GLN A 532 31.77 -1.72 -39.54
N VAL A 533 31.36 -2.53 -40.48
CA VAL A 533 31.82 -2.39 -41.86
C VAL A 533 31.11 -1.19 -42.55
N MET A 534 29.77 -1.11 -42.42
CA MET A 534 29.01 -0.01 -43.05
C MET A 534 29.42 1.40 -42.55
N LEU A 535 29.82 1.51 -41.32
CA LEU A 535 30.26 2.81 -40.79
C LEU A 535 31.70 3.12 -41.20
N ALA A 536 32.54 2.04 -41.39
CA ALA A 536 34.05 2.18 -41.69
C ALA A 536 34.51 3.45 -42.43
N PRO A 537 33.93 3.81 -43.63
CA PRO A 537 34.33 5.05 -44.36
C PRO A 537 34.23 6.30 -43.43
N LEU A 538 33.04 6.59 -42.85
CA LEU A 538 32.90 7.79 -41.97
C LEU A 538 33.84 7.76 -40.77
N ILE A 539 34.15 6.56 -40.28
CA ILE A 539 35.07 6.44 -39.15
C ILE A 539 36.47 6.82 -39.60
N SER A 540 36.92 6.26 -40.74
CA SER A 540 38.28 6.62 -41.25
C SER A 540 38.35 8.12 -41.61
N ILE A 541 37.29 8.66 -42.26
CA ILE A 541 37.28 10.07 -42.59
C ILE A 541 37.39 10.92 -41.35
N ALA A 542 36.72 10.54 -40.27
CA ALA A 542 36.82 11.32 -39.02
C ALA A 542 38.26 11.30 -38.48
N LEU A 543 38.89 10.14 -38.55
CA LEU A 543 40.26 10.00 -38.11
C LEU A 543 41.30 10.80 -39.03
N LYS A 544 41.13 10.65 -40.34
CA LYS A 544 41.98 11.33 -41.29
C LYS A 544 41.74 12.86 -41.28
N VAL A 545 40.45 13.29 -41.20
CA VAL A 545 40.16 14.75 -41.23
C VAL A 545 40.56 15.44 -39.93
N SER A 546 40.38 14.78 -38.79
CA SER A 546 40.79 15.40 -37.47
C SER A 546 42.20 15.07 -37.14
N GLN A 547 42.79 14.07 -37.86
CA GLN A 547 44.16 13.57 -37.56
C GLN A 547 44.26 13.04 -36.08
N LEU A 548 43.27 12.21 -35.72
CA LEU A 548 43.12 11.67 -34.37
C LEU A 548 44.34 10.89 -33.85
N GLN A 549 44.58 9.64 -34.34
CA GLN A 549 45.76 8.81 -33.84
C GLN A 549 47.10 9.64 -33.93
N GLU A 550 47.11 10.59 -34.87
CA GLU A 550 48.22 11.45 -35.06
C GLU A 550 48.42 12.41 -33.82
N ARG A 551 47.37 13.07 -33.33
CA ARG A 551 47.56 14.00 -32.18
C ARG A 551 47.23 13.39 -30.83
N THR A 552 46.69 12.15 -30.81
CA THR A 552 46.27 11.50 -29.48
C THR A 552 46.99 10.20 -29.20
N GLY A 553 47.56 9.56 -30.26
CA GLY A 553 48.23 8.27 -30.07
C GLY A 553 47.21 7.10 -29.94
N ARG A 554 45.92 7.41 -29.98
CA ARG A 554 44.93 6.37 -29.85
C ARG A 554 44.66 5.59 -31.14
N THR A 555 45.18 4.35 -31.24
CA THR A 555 44.94 3.47 -32.47
C THR A 555 43.61 2.73 -32.39
N ALA A 556 43.08 2.58 -31.19
CA ALA A 556 41.79 1.91 -31.03
C ALA A 556 40.91 2.63 -30.01
N PRO A 557 39.56 2.69 -30.22
CA PRO A 557 38.63 3.34 -29.29
C PRO A 557 38.54 2.64 -27.91
N THR A 558 38.78 3.38 -26.82
CA THR A 558 38.69 2.78 -25.42
C THR A 558 37.28 2.25 -25.14
N VAL A 559 36.25 3.06 -25.45
CA VAL A 559 34.85 2.64 -25.18
C VAL A 559 34.02 2.55 -26.44
N ILE A 560 33.14 1.51 -26.51
CA ILE A 560 32.26 1.35 -27.67
C ILE A 560 30.85 1.06 -27.23
N THR A 561 29.90 1.87 -27.69
CA THR A 561 28.50 1.70 -27.30
C THR A 561 27.57 1.49 -28.51
N VAL B 1 -16.76 -1.52 -20.89
CA VAL B 1 -17.59 -2.77 -20.77
C VAL B 1 -19.11 -2.50 -20.98
N LYS B 2 -19.89 -3.54 -21.29
CA LYS B 2 -21.36 -3.36 -21.50
C LYS B 2 -22.24 -3.63 -20.19
N ILE B 3 -23.28 -2.85 -20.00
CA ILE B 3 -24.16 -3.04 -18.85
C ILE B 3 -25.38 -3.90 -19.24
N VAL B 4 -25.40 -5.14 -18.81
CA VAL B 4 -26.53 -6.06 -19.16
C VAL B 4 -27.66 -6.12 -18.10
N THR B 5 -28.93 -6.14 -18.56
CA THR B 5 -30.08 -6.26 -17.60
C THR B 5 -30.60 -7.73 -17.54
N VAL B 6 -30.46 -8.38 -16.38
CA VAL B 6 -30.89 -9.72 -16.28
C VAL B 6 -32.26 -9.86 -15.62
N LYS B 7 -33.22 -10.46 -16.37
CA LYS B 7 -34.59 -10.76 -15.85
C LYS B 7 -34.52 -11.93 -14.77
N THR B 8 -34.77 -11.63 -13.49
CA THR B 8 -34.64 -12.68 -12.43
C THR B 8 -36.00 -13.13 -11.73
N LYS B 9 -35.89 -14.14 -10.88
CA LYS B 9 -37.04 -14.66 -10.10
C LYS B 9 -36.72 -14.50 -8.59
N ALA B 10 -37.52 -13.73 -7.86
CA ALA B 10 -37.24 -13.41 -6.43
C ALA B 10 -37.14 -14.61 -5.41
N TYR B 11 -36.60 -14.34 -4.23
CA TYR B 11 -36.49 -15.41 -3.14
C TYR B 11 -37.19 -14.93 -1.79
N PRO B 12 -37.88 -15.83 -1.07
CA PRO B 12 -38.59 -15.51 0.19
C PRO B 12 -37.73 -15.56 1.45
N ASP B 13 -36.62 -16.27 1.43
CA ASP B 13 -35.81 -16.41 2.67
C ASP B 13 -34.58 -15.47 2.78
N GLN B 14 -34.45 -14.46 1.92
CA GLN B 14 -33.26 -13.58 2.01
C GLN B 14 -33.45 -12.40 3.05
N LYS B 15 -33.88 -12.74 4.28
CA LYS B 15 -34.09 -11.72 5.31
C LYS B 15 -32.81 -11.49 6.10
N PRO B 16 -32.18 -10.35 5.94
CA PRO B 16 -30.93 -10.02 6.65
C PRO B 16 -31.12 -9.69 8.13
N GLY B 17 -30.59 -10.52 9.02
CA GLY B 17 -30.64 -10.19 10.44
C GLY B 17 -29.53 -9.12 10.75
N THR B 18 -29.38 -8.65 11.97
CA THR B 18 -28.30 -7.60 12.26
C THR B 18 -26.87 -8.10 11.99
N SER B 19 -26.72 -9.43 11.69
CA SER B 19 -25.41 -10.02 11.31
C SER B 19 -25.40 -10.27 9.83
N GLY B 20 -26.22 -9.50 9.07
CA GLY B 20 -26.31 -9.66 7.62
C GLY B 20 -27.09 -10.88 7.22
N LEU B 21 -26.76 -11.49 6.06
CA LEU B 21 -27.48 -12.72 5.62
C LEU B 21 -26.60 -13.94 5.71
N ARG B 22 -26.64 -14.69 6.82
CA ARG B 22 -25.75 -15.89 6.93
C ARG B 22 -26.43 -17.20 6.43
N LYS B 23 -25.90 -17.80 5.36
CA LYS B 23 -26.48 -19.07 4.84
C LYS B 23 -25.37 -20.12 4.55
N ARG B 24 -25.74 -21.29 4.07
CA ARG B 24 -24.71 -22.32 3.71
C ARG B 24 -24.07 -21.97 2.35
N VAL B 25 -22.73 -22.16 2.23
CA VAL B 25 -22.03 -21.85 0.93
C VAL B 25 -22.73 -22.56 -0.29
N LYS B 26 -23.23 -23.79 -0.06
CA LYS B 26 -23.94 -24.51 -1.12
C LYS B 26 -25.27 -23.82 -1.53
N VAL B 27 -25.89 -23.02 -0.63
CA VAL B 27 -27.12 -22.29 -1.00
C VAL B 27 -26.79 -21.20 -2.04
N PHE B 28 -25.85 -20.25 -1.68
CA PHE B 28 -25.42 -19.14 -2.64
C PHE B 28 -24.95 -19.70 -4.00
N GLN B 29 -24.19 -20.85 -3.97
CA GLN B 29 -23.65 -21.49 -5.24
C GLN B 29 -24.71 -22.24 -6.11
N SER B 30 -25.71 -22.88 -5.49
CA SER B 30 -26.70 -23.61 -6.26
C SER B 30 -27.93 -22.75 -6.64
N SER B 31 -28.41 -21.95 -5.74
CA SER B 31 -29.55 -21.11 -6.08
C SER B 31 -29.22 -20.04 -7.15
N THR B 32 -29.54 -20.31 -8.44
CA THR B 32 -29.31 -19.31 -9.51
C THR B 32 -29.82 -17.93 -9.14
N ASN B 33 -28.98 -16.91 -9.25
CA ASN B 33 -29.37 -15.51 -8.88
C ASN B 33 -29.54 -15.27 -7.39
N TYR B 34 -29.18 -16.27 -6.49
CA TYR B 34 -29.27 -16.03 -4.99
C TYR B 34 -28.37 -14.81 -4.53
N ALA B 35 -27.02 -14.96 -4.66
CA ALA B 35 -26.12 -13.86 -4.30
C ALA B 35 -26.38 -12.60 -5.16
N GLU B 36 -26.65 -12.79 -6.46
CA GLU B 36 -26.93 -11.64 -7.36
C GLU B 36 -28.18 -10.84 -6.96
N ASN B 37 -29.26 -11.51 -6.51
CA ASN B 37 -30.49 -10.76 -6.11
C ASN B 37 -30.29 -10.01 -4.87
N PHE B 38 -29.66 -10.66 -3.85
CA PHE B 38 -29.40 -9.93 -2.56
C PHE B 38 -28.43 -8.71 -2.78
N ILE B 39 -27.27 -8.93 -3.55
CA ILE B 39 -26.32 -7.81 -3.83
C ILE B 39 -27.04 -6.65 -4.52
N GLN B 40 -27.88 -6.97 -5.53
CA GLN B 40 -28.65 -5.94 -6.23
C GLN B 40 -29.62 -5.20 -5.28
N SER B 41 -30.28 -5.95 -4.33
CA SER B 41 -31.20 -5.29 -3.34
C SER B 41 -30.48 -4.29 -2.48
N ILE B 42 -29.24 -4.66 -2.01
CA ILE B 42 -28.43 -3.74 -1.16
C ILE B 42 -28.21 -2.41 -1.88
N ILE B 43 -27.69 -2.46 -3.15
CA ILE B 43 -27.46 -1.18 -3.94
C ILE B 43 -28.79 -0.46 -4.29
N SER B 44 -29.92 -1.24 -4.50
CA SER B 44 -31.25 -0.62 -4.82
C SER B 44 -31.77 0.28 -3.70
N THR B 45 -31.36 0.03 -2.43
CA THR B 45 -31.79 0.94 -1.27
C THR B 45 -31.09 2.29 -1.34
N VAL B 46 -29.99 2.36 -2.13
CA VAL B 46 -29.21 3.61 -2.32
C VAL B 46 -29.87 4.47 -3.45
N GLU B 47 -30.24 5.70 -3.13
CA GLU B 47 -30.90 6.58 -4.13
C GLU B 47 -30.11 6.65 -5.48
N PRO B 48 -30.75 6.34 -6.63
CA PRO B 48 -30.12 6.39 -7.97
C PRO B 48 -29.17 7.68 -8.20
N ALA B 49 -29.63 8.86 -7.82
CA ALA B 49 -28.81 10.06 -7.96
C ALA B 49 -27.63 10.06 -7.00
N GLN B 50 -27.78 9.45 -5.82
CA GLN B 50 -26.64 9.39 -4.82
C GLN B 50 -25.51 8.42 -5.23
N ARG B 51 -25.78 7.54 -6.18
CA ARG B 51 -24.83 6.52 -6.59
C ARG B 51 -23.49 7.02 -7.26
N GLN B 52 -23.55 7.92 -8.25
CA GLN B 52 -22.30 8.36 -8.94
C GLN B 52 -21.26 8.97 -8.01
N GLU B 53 -21.66 9.71 -7.00
CA GLU B 53 -20.64 10.27 -6.09
C GLU B 53 -20.51 9.44 -4.83
N ALA B 54 -20.96 8.16 -4.88
CA ALA B 54 -20.90 7.31 -3.71
C ALA B 54 -19.82 6.24 -3.76
N THR B 55 -19.26 5.96 -2.58
CA THR B 55 -18.21 4.94 -2.43
C THR B 55 -18.67 3.82 -1.54
N LEU B 56 -18.45 2.58 -1.98
CA LEU B 56 -18.78 1.41 -1.14
C LEU B 56 -17.48 0.62 -0.73
N VAL B 57 -17.30 0.39 0.56
CA VAL B 57 -16.15 -0.35 1.01
C VAL B 57 -16.47 -1.86 1.02
N VAL B 58 -15.66 -2.67 0.36
CA VAL B 58 -15.95 -4.10 0.30
C VAL B 58 -14.80 -4.91 0.85
N GLY B 59 -15.09 -6.00 1.57
CA GLY B 59 -14.03 -6.83 2.14
C GLY B 59 -14.57 -8.05 2.81
N GLY B 60 -13.72 -9.02 3.10
CA GLY B 60 -14.18 -10.23 3.75
C GLY B 60 -13.09 -10.89 4.62
N ASP B 61 -13.44 -12.03 5.27
CA ASP B 61 -12.44 -12.72 6.08
C ASP B 61 -11.54 -13.67 5.27
N GLY B 62 -11.74 -13.77 3.97
CA GLY B 62 -10.88 -14.65 3.16
C GLY B 62 -11.39 -16.12 3.08
N ARG B 63 -12.62 -16.40 3.63
CA ARG B 63 -13.18 -17.79 3.57
C ARG B 63 -13.58 -18.22 2.14
N PHE B 64 -13.86 -19.50 1.96
CA PHE B 64 -14.28 -20.00 0.67
C PHE B 64 -15.47 -19.18 0.09
N TYR B 65 -15.53 -19.07 -1.30
CA TYR B 65 -16.62 -18.28 -2.00
C TYR B 65 -16.48 -16.75 -1.83
N MET B 66 -15.67 -16.24 -0.88
CA MET B 66 -15.50 -14.74 -0.76
C MET B 66 -14.96 -14.07 -2.12
N LYS B 67 -13.91 -14.62 -2.73
CA LYS B 67 -13.38 -14.05 -3.97
C LYS B 67 -14.44 -13.93 -5.07
N GLU B 68 -15.28 -14.96 -5.24
CA GLU B 68 -16.32 -14.86 -6.29
C GLU B 68 -17.48 -13.91 -5.84
N ALA B 69 -17.74 -13.80 -4.52
CA ALA B 69 -18.78 -12.89 -4.03
C ALA B 69 -18.40 -11.45 -4.26
N ILE B 70 -17.10 -11.12 -4.07
CA ILE B 70 -16.56 -9.69 -4.33
C ILE B 70 -16.57 -9.37 -5.80
N GLN B 71 -16.15 -10.32 -6.65
CA GLN B 71 -16.23 -10.10 -8.10
C GLN B 71 -17.72 -9.81 -8.56
N LEU B 72 -18.71 -10.57 -7.98
CA LEU B 72 -20.14 -10.32 -8.30
C LEU B 72 -20.55 -8.91 -7.85
N ILE B 73 -20.18 -8.53 -6.59
CA ILE B 73 -20.49 -7.13 -6.07
C ILE B 73 -19.93 -6.03 -7.03
N VAL B 74 -18.70 -6.23 -7.59
CA VAL B 74 -18.11 -5.24 -8.56
C VAL B 74 -18.97 -5.10 -9.87
N ARG B 75 -19.28 -6.19 -10.51
CA ARG B 75 -20.11 -6.18 -11.75
C ARG B 75 -21.52 -5.51 -11.49
N ILE B 76 -22.18 -5.83 -10.35
CA ILE B 76 -23.48 -5.25 -10.08
C ILE B 76 -23.36 -3.80 -9.66
N ALA B 77 -22.38 -3.45 -8.79
CA ALA B 77 -22.22 -2.00 -8.37
C ALA B 77 -21.96 -1.09 -9.55
N ALA B 78 -21.15 -1.56 -10.47
CA ALA B 78 -20.82 -0.76 -11.71
C ALA B 78 -22.02 -0.57 -12.58
N ALA B 79 -22.72 -1.66 -12.91
CA ALA B 79 -23.93 -1.54 -13.76
C ALA B 79 -25.03 -0.72 -13.15
N ASN B 80 -24.99 -0.59 -11.79
CA ASN B 80 -26.01 0.20 -11.08
C ASN B 80 -25.63 1.71 -10.93
N GLY B 81 -24.46 2.10 -11.41
CA GLY B 81 -24.06 3.52 -11.30
C GLY B 81 -23.21 3.87 -9.99
N ILE B 82 -22.79 2.92 -9.23
CA ILE B 82 -22.00 3.23 -8.07
C ILE B 82 -20.60 3.78 -8.47
N GLY B 83 -20.31 5.00 -8.14
CA GLY B 83 -19.03 5.63 -8.58
C GLY B 83 -17.76 4.92 -8.22
N ARG B 84 -17.56 4.58 -6.95
CA ARG B 84 -16.27 3.93 -6.56
C ARG B 84 -16.43 2.76 -5.52
N LEU B 85 -15.63 1.74 -5.70
CA LEU B 85 -15.62 0.65 -4.79
C LEU B 85 -14.23 0.55 -4.11
N VAL B 86 -14.14 0.79 -2.81
CA VAL B 86 -12.84 0.62 -2.13
C VAL B 86 -12.73 -0.76 -1.63
N ILE B 87 -11.97 -1.60 -2.31
CA ILE B 87 -11.83 -3.02 -1.88
C ILE B 87 -10.43 -3.36 -1.19
N GLY B 88 -10.43 -4.06 -0.12
CA GLY B 88 -9.19 -4.40 0.49
C GLY B 88 -8.38 -5.31 -0.42
N GLN B 89 -7.05 -5.36 -0.23
CA GLN B 89 -6.22 -6.21 -1.10
C GLN B 89 -6.60 -7.72 -1.06
N ASN B 90 -6.70 -8.36 -2.23
CA ASN B 90 -7.10 -9.77 -2.31
C ASN B 90 -8.53 -10.01 -1.69
N GLY B 91 -9.27 -8.91 -1.48
CA GLY B 91 -10.56 -8.98 -0.89
C GLY B 91 -10.50 -9.07 0.67
N ILE B 92 -9.31 -9.16 1.23
CA ILE B 92 -9.18 -9.30 2.71
C ILE B 92 -9.40 -8.01 3.42
N LEU B 93 -10.34 -7.98 4.36
CA LEU B 93 -10.62 -6.76 5.14
C LEU B 93 -11.39 -7.14 6.44
N SER B 94 -10.78 -6.96 7.58
CA SER B 94 -11.42 -7.34 8.82
C SER B 94 -12.60 -6.51 9.13
N THR B 95 -13.61 -7.06 9.86
CA THR B 95 -14.83 -6.23 10.19
C THR B 95 -14.44 -4.79 10.87
N PRO B 96 -13.57 -4.74 11.94
CA PRO B 96 -13.18 -3.50 12.55
C PRO B 96 -12.49 -2.58 11.47
N ALA B 97 -11.78 -3.16 10.51
CA ALA B 97 -11.15 -2.35 9.43
C ALA B 97 -12.19 -1.78 8.53
N VAL B 98 -13.23 -2.59 8.14
CA VAL B 98 -14.32 -2.05 7.25
C VAL B 98 -15.00 -0.91 7.92
N SER B 99 -15.24 -1.01 9.22
CA SER B 99 -15.88 0.15 9.98
C SER B 99 -14.95 1.38 10.02
N CYS B 100 -13.62 1.12 10.15
CA CYS B 100 -12.57 2.22 10.15
C CYS B 100 -12.47 2.95 8.77
N ILE B 101 -12.39 2.19 7.67
CA ILE B 101 -12.34 2.80 6.36
C ILE B 101 -13.68 3.54 5.99
N ILE B 102 -14.86 3.01 6.32
CA ILE B 102 -16.16 3.73 6.01
C ILE B 102 -16.22 5.09 6.69
N ARG B 103 -15.87 5.17 7.99
CA ARG B 103 -15.87 6.45 8.71
C ARG B 103 -14.70 7.43 8.22
N LYS B 104 -13.56 6.84 7.85
CA LYS B 104 -12.40 7.59 7.37
C LYS B 104 -12.64 8.25 5.99
N ILE B 105 -13.10 7.49 5.02
CA ILE B 105 -13.34 8.06 3.69
C ILE B 105 -14.80 8.54 3.44
N LYS B 106 -15.60 8.69 4.53
CA LYS B 106 -17.05 9.10 4.44
C LYS B 106 -17.85 8.20 3.44
N ALA B 107 -17.62 6.87 3.47
CA ALA B 107 -18.32 6.00 2.54
C ALA B 107 -19.79 5.93 2.84
N ILE B 108 -20.64 5.68 1.82
CA ILE B 108 -22.10 5.59 2.08
C ILE B 108 -22.42 4.29 2.87
N GLY B 109 -21.51 3.34 2.81
CA GLY B 109 -21.69 2.10 3.51
C GLY B 109 -20.63 1.05 3.10
N GLY B 110 -20.78 -0.18 3.51
CA GLY B 110 -19.82 -1.20 3.13
C GLY B 110 -20.45 -2.65 3.16
N ILE B 111 -19.95 -3.54 2.36
CA ILE B 111 -20.44 -4.88 2.35
C ILE B 111 -19.36 -5.82 2.93
N ILE B 112 -19.63 -6.43 4.09
CA ILE B 112 -18.63 -7.33 4.70
C ILE B 112 -18.92 -8.78 4.49
N LEU B 113 -18.16 -9.44 3.62
CA LEU B 113 -18.39 -10.89 3.33
C LEU B 113 -17.83 -11.79 4.43
N THR B 114 -18.67 -12.13 5.45
CA THR B 114 -18.17 -12.97 6.62
C THR B 114 -19.25 -13.52 7.46
N ALA B 115 -19.01 -14.69 8.01
CA ALA B 115 -20.01 -15.28 8.93
C ALA B 115 -19.50 -15.18 10.38
N SER B 116 -18.57 -14.26 10.63
CA SER B 116 -17.95 -14.09 11.99
C SER B 116 -17.25 -15.40 12.48
N HIS B 117 -17.59 -15.88 13.64
CA HIS B 117 -17.02 -17.12 14.15
C HIS B 117 -17.62 -18.38 13.50
N ASN B 118 -18.63 -18.23 12.65
CA ASN B 118 -19.20 -19.39 11.98
C ASN B 118 -18.17 -19.98 10.92
N PRO B 119 -17.96 -21.30 10.92
CA PRO B 119 -17.01 -22.01 10.03
C PRO B 119 -17.15 -21.69 8.50
N GLY B 120 -16.06 -21.80 7.77
CA GLY B 120 -16.11 -21.55 6.32
C GLY B 120 -15.85 -22.83 5.51
N GLY B 121 -15.36 -22.69 4.26
CA GLY B 121 -15.10 -23.91 3.44
C GLY B 121 -16.35 -24.32 2.54
N PRO B 122 -16.21 -25.35 1.69
CA PRO B 122 -17.29 -25.81 0.79
C PRO B 122 -18.51 -26.26 1.54
N ASN B 123 -18.31 -26.83 2.76
CA ASN B 123 -19.49 -27.32 3.57
C ASN B 123 -19.80 -26.41 4.79
N GLY B 124 -19.17 -25.20 4.84
CA GLY B 124 -19.40 -24.28 5.93
C GLY B 124 -20.42 -23.23 5.60
N ASP B 125 -20.33 -22.09 6.24
CA ASP B 125 -21.27 -21.03 6.00
C ASP B 125 -20.69 -19.87 5.23
N PHE B 126 -21.56 -18.98 4.75
CA PHE B 126 -21.14 -17.75 4.05
C PHE B 126 -22.20 -16.66 4.30
N GLY B 127 -21.76 -15.45 4.55
CA GLY B 127 -22.73 -14.39 4.83
C GLY B 127 -22.38 -13.03 4.13
N ILE B 128 -23.42 -12.24 3.91
CA ILE B 128 -23.21 -10.88 3.30
C ILE B 128 -23.78 -9.87 4.30
N LYS B 129 -22.93 -9.16 4.99
CA LYS B 129 -23.41 -8.17 6.01
C LYS B 129 -23.33 -6.72 5.50
N PHE B 130 -24.39 -5.98 5.55
CA PHE B 130 -24.31 -4.59 5.07
C PHE B 130 -24.12 -3.56 6.21
N ASN B 131 -23.06 -2.71 6.08
CA ASN B 131 -22.81 -1.64 7.06
C ASN B 131 -23.21 -0.29 6.44
N ILE B 132 -23.72 0.67 7.25
CA ILE B 132 -24.14 1.98 6.70
C ILE B 132 -23.03 3.15 6.91
N SER B 133 -23.34 4.39 6.47
CA SER B 133 -22.35 5.52 6.54
C SER B 133 -21.62 5.70 7.84
N ASN B 134 -22.25 5.41 8.98
CA ASN B 134 -21.53 5.60 10.27
C ASN B 134 -20.62 4.51 10.60
N GLY B 135 -20.47 3.49 9.69
CA GLY B 135 -19.51 2.37 9.95
C GLY B 135 -20.10 1.27 10.70
N GLY B 136 -21.32 1.49 11.23
CA GLY B 136 -22.01 0.44 12.02
C GLY B 136 -22.85 -0.43 11.15
N PRO B 137 -23.43 -1.53 11.67
CA PRO B 137 -24.24 -2.44 10.90
C PRO B 137 -25.55 -1.79 10.46
N ALA B 138 -26.15 -2.23 9.35
CA ALA B 138 -27.44 -1.67 8.92
C ALA B 138 -28.54 -1.96 9.96
N PRO B 139 -29.32 -0.95 10.38
CA PRO B 139 -30.40 -1.10 11.38
C PRO B 139 -31.66 -1.80 10.79
N GLU B 140 -32.67 -2.14 11.69
CA GLU B 140 -33.91 -2.82 11.21
C GLU B 140 -34.62 -2.04 10.06
N ALA B 141 -34.79 -0.72 10.20
CA ALA B 141 -35.45 0.05 9.13
C ALA B 141 -34.80 -0.18 7.75
N ILE B 142 -33.45 -0.41 7.72
CA ILE B 142 -32.73 -0.65 6.44
C ILE B 142 -32.76 -2.15 6.04
N THR B 143 -32.56 -3.05 7.02
CA THR B 143 -32.60 -4.53 6.73
C THR B 143 -33.97 -4.92 6.25
N ASP B 144 -35.02 -4.30 6.79
CA ASP B 144 -36.44 -4.57 6.28
C ASP B 144 -36.56 -4.10 4.82
N LYS B 145 -35.99 -2.86 4.52
CA LYS B 145 -35.98 -2.33 3.13
C LYS B 145 -35.32 -3.32 2.18
N ILE B 146 -34.08 -3.74 2.49
CA ILE B 146 -33.35 -4.77 1.64
C ILE B 146 -34.20 -6.05 1.46
N PHE B 147 -34.84 -6.52 2.56
CA PHE B 147 -35.72 -7.71 2.51
C PHE B 147 -36.94 -7.47 1.53
N GLN B 148 -37.67 -6.32 1.69
CA GLN B 148 -38.83 -6.04 0.81
C GLN B 148 -38.41 -6.11 -0.69
N ILE B 149 -37.25 -5.49 -1.04
CA ILE B 149 -36.78 -5.56 -2.46
C ILE B 149 -36.32 -6.99 -2.87
N SER B 150 -35.56 -7.68 -2.02
CA SER B 150 -35.06 -9.06 -2.38
C SER B 150 -36.16 -10.06 -2.72
N LYS B 151 -37.43 -9.85 -2.17
CA LYS B 151 -38.55 -10.76 -2.49
C LYS B 151 -39.54 -10.17 -3.60
N THR B 152 -39.34 -8.92 -4.02
CA THR B 152 -40.19 -8.32 -5.14
C THR B 152 -39.34 -8.04 -6.39
N ILE B 153 -38.02 -8.38 -6.31
CA ILE B 153 -37.05 -8.11 -7.41
C ILE B 153 -37.34 -8.84 -8.73
N GLU B 154 -37.79 -8.09 -9.77
CA GLU B 154 -38.07 -8.69 -11.11
C GLU B 154 -36.76 -8.76 -12.00
N GLU B 155 -35.84 -7.84 -11.76
CA GLU B 155 -34.60 -7.78 -12.57
C GLU B 155 -33.37 -7.29 -11.76
N TYR B 156 -32.18 -7.46 -12.33
CA TYR B 156 -30.96 -6.93 -11.74
C TYR B 156 -29.97 -6.54 -12.82
N ALA B 157 -29.34 -5.36 -12.74
CA ALA B 157 -28.31 -4.94 -13.78
C ALA B 157 -26.90 -5.47 -13.42
N ILE B 158 -26.18 -5.92 -14.41
CA ILE B 158 -24.83 -6.44 -14.17
C ILE B 158 -23.84 -6.16 -15.35
N CYS B 159 -22.55 -5.94 -15.09
CA CYS B 159 -21.58 -5.80 -16.20
C CYS B 159 -20.80 -7.19 -16.34
N PRO B 160 -21.32 -8.16 -17.10
CA PRO B 160 -20.68 -9.53 -17.25
C PRO B 160 -19.21 -9.54 -17.58
N ASP B 161 -18.69 -8.60 -18.46
CA ASP B 161 -17.21 -8.61 -18.84
C ASP B 161 -16.30 -7.96 -17.82
N LEU B 162 -16.83 -7.16 -16.90
CA LEU B 162 -15.95 -6.48 -15.92
C LEU B 162 -15.19 -7.46 -14.97
N LYS B 163 -13.84 -7.57 -15.13
CA LYS B 163 -13.06 -8.41 -14.22
C LYS B 163 -11.88 -7.63 -13.55
N VAL B 164 -12.00 -7.34 -12.27
CA VAL B 164 -10.92 -6.60 -11.55
C VAL B 164 -9.82 -7.56 -10.94
N ASP B 165 -8.54 -7.13 -10.97
CA ASP B 165 -7.49 -7.96 -10.35
C ASP B 165 -7.37 -7.57 -8.82
N LEU B 166 -7.96 -8.36 -7.95
CA LEU B 166 -7.98 -8.00 -6.55
C LEU B 166 -6.62 -8.00 -5.85
N GLY B 167 -5.64 -8.70 -6.36
CA GLY B 167 -4.34 -8.74 -5.64
C GLY B 167 -3.40 -7.53 -5.93
N VAL B 168 -3.67 -6.74 -6.94
CA VAL B 168 -2.78 -5.61 -7.23
C VAL B 168 -3.27 -4.23 -6.60
N LEU B 169 -2.40 -3.57 -5.86
CA LEU B 169 -2.77 -2.26 -5.18
C LEU B 169 -2.96 -1.06 -6.14
N GLY B 170 -3.84 -0.13 -5.80
CA GLY B 170 -4.00 1.01 -6.68
C GLY B 170 -5.39 1.20 -7.27
N LYS B 171 -5.52 2.20 -8.14
CA LYS B 171 -6.81 2.53 -8.76
C LYS B 171 -7.00 1.89 -10.14
N GLN B 172 -8.18 1.31 -10.40
CA GLN B 172 -8.48 0.70 -11.71
C GLN B 172 -9.70 1.36 -12.30
N GLN B 173 -9.61 1.90 -13.51
CA GLN B 173 -10.80 2.63 -14.08
C GLN B 173 -11.50 1.90 -15.27
N PHE B 174 -12.84 1.78 -15.18
CA PHE B 174 -13.55 1.10 -16.18
C PHE B 174 -14.54 2.00 -16.89
N ASP B 175 -14.48 2.01 -18.22
CA ASP B 175 -15.42 2.79 -18.97
C ASP B 175 -16.62 1.97 -19.28
N LEU B 176 -17.79 2.43 -18.91
CA LEU B 176 -19.06 1.68 -19.21
C LEU B 176 -19.73 2.22 -20.55
N GLU B 177 -20.46 1.33 -21.26
CA GLU B 177 -21.10 1.69 -22.56
C GLU B 177 -21.85 3.08 -22.61
N ASN B 178 -21.34 3.98 -23.45
CA ASN B 178 -21.94 5.33 -23.62
C ASN B 178 -22.04 6.18 -22.31
N LYS B 179 -21.42 5.72 -21.19
CA LYS B 179 -21.51 6.50 -19.92
C LYS B 179 -20.39 7.58 -19.80
N PHE B 180 -20.77 8.82 -19.49
CA PHE B 180 -19.80 9.94 -19.39
C PHE B 180 -18.76 9.80 -18.25
N LYS B 181 -19.16 9.50 -17.01
CA LYS B 181 -18.13 9.34 -15.94
C LYS B 181 -17.67 7.86 -15.82
N PRO B 182 -16.40 7.61 -15.51
CA PRO B 182 -15.82 6.25 -15.41
C PRO B 182 -16.02 5.59 -14.10
N PHE B 183 -16.14 4.28 -14.09
CA PHE B 183 -16.30 3.54 -12.81
C PHE B 183 -14.92 3.35 -12.16
N THR B 184 -14.80 3.62 -10.86
CA THR B 184 -13.45 3.50 -10.21
C THR B 184 -13.38 2.42 -9.13
N VAL B 185 -12.36 1.56 -9.21
CA VAL B 185 -12.14 0.52 -8.14
C VAL B 185 -10.86 0.85 -7.42
N GLU B 186 -10.92 1.08 -6.17
CA GLU B 186 -9.66 1.40 -5.44
C GLU B 186 -9.20 0.26 -4.49
N ILE B 187 -8.17 -0.46 -4.90
CA ILE B 187 -7.71 -1.51 -4.09
C ILE B 187 -6.71 -1.00 -3.02
N VAL B 188 -7.16 -1.05 -1.75
CA VAL B 188 -6.37 -0.57 -0.60
C VAL B 188 -5.56 -1.73 0.19
N ASP B 189 -4.45 -1.36 0.81
CA ASP B 189 -3.72 -2.35 1.62
C ASP B 189 -4.61 -2.73 2.89
N SER B 190 -4.98 -4.04 3.00
CA SER B 190 -5.87 -4.51 4.09
C SER B 190 -5.56 -3.92 5.50
N VAL B 191 -4.28 -3.82 5.88
CA VAL B 191 -3.98 -3.37 7.25
C VAL B 191 -3.71 -1.85 7.44
N GLU B 192 -3.15 -1.17 6.42
CA GLU B 192 -2.70 0.32 6.56
C GLU B 192 -3.73 1.29 7.26
N ALA B 193 -4.90 1.56 6.64
CA ALA B 193 -5.90 2.48 7.27
C ALA B 193 -6.21 2.12 8.72
N TYR B 194 -6.42 0.80 8.98
CA TYR B 194 -6.73 0.31 10.37
C TYR B 194 -5.55 0.55 11.34
N ALA B 195 -4.31 0.22 10.87
CA ALA B 195 -3.12 0.40 11.71
C ALA B 195 -2.86 1.91 12.01
N THR B 196 -3.11 2.78 11.05
CA THR B 196 -2.97 4.26 11.34
C THR B 196 -3.95 4.70 12.43
N MET B 197 -5.20 4.15 12.44
CA MET B 197 -6.16 4.46 13.50
C MET B 197 -5.66 4.02 14.86
N LEU B 198 -5.18 2.77 14.98
CA LEU B 198 -4.63 2.28 16.27
C LEU B 198 -3.42 3.08 16.72
N ARG B 199 -2.51 3.40 15.77
CA ARG B 199 -1.26 4.21 16.06
C ARG B 199 -1.56 5.53 16.77
N ASN B 200 -2.78 6.10 16.58
CA ASN B 200 -3.16 7.33 17.27
C ASN B 200 -3.84 7.04 18.59
N ILE B 201 -4.62 5.94 18.65
CA ILE B 201 -5.34 5.58 19.93
C ILE B 201 -4.37 5.09 21.04
N PHE B 202 -3.37 4.27 20.63
CA PHE B 202 -2.39 3.71 21.60
C PHE B 202 -1.03 4.33 21.52
N ASP B 203 -0.15 4.01 22.48
CA ASP B 203 1.19 4.56 22.43
C ASP B 203 2.16 3.56 21.87
N PHE B 204 2.21 3.41 20.52
CA PHE B 204 3.08 2.39 19.91
C PHE B 204 4.59 2.46 20.39
N ASN B 205 5.01 3.60 21.01
CA ASN B 205 6.35 3.69 21.57
C ASN B 205 6.44 2.93 22.85
N ALA B 206 5.48 3.14 23.78
CA ALA B 206 5.49 2.35 25.09
C ALA B 206 5.28 0.89 24.83
N LEU B 207 4.51 0.57 23.81
CA LEU B 207 4.31 -0.79 23.47
C LEU B 207 5.58 -1.40 22.83
N LYS B 208 6.29 -0.66 21.92
CA LYS B 208 7.58 -1.19 21.30
C LYS B 208 8.58 -1.56 22.39
N GLU B 209 8.70 -0.69 23.41
CA GLU B 209 9.59 -0.98 24.55
C GLU B 209 9.10 -2.32 25.28
N LEU B 210 7.78 -2.38 25.52
CA LEU B 210 7.16 -3.53 26.17
C LEU B 210 7.39 -4.83 25.39
N LEU B 211 7.21 -4.83 24.07
CA LEU B 211 7.32 -6.09 23.31
C LEU B 211 8.73 -6.52 22.85
N SER B 212 9.57 -5.60 22.52
CA SER B 212 10.91 -5.97 21.98
C SER B 212 12.09 -5.55 22.81
N GLY B 213 11.91 -4.86 23.92
CA GLY B 213 13.08 -4.46 24.75
C GLY B 213 13.91 -5.68 25.35
N PRO B 214 14.94 -5.41 26.24
CA PRO B 214 15.73 -6.49 26.90
C PRO B 214 14.84 -7.24 27.96
N ASN B 215 14.31 -6.52 28.92
CA ASN B 215 13.41 -7.13 29.93
C ASN B 215 11.93 -7.15 29.40
N ARG B 216 11.75 -7.66 28.19
CA ARG B 216 10.45 -7.58 27.51
C ARG B 216 9.33 -8.57 27.93
N LEU B 217 8.08 -8.26 27.52
CA LEU B 217 6.96 -9.12 27.80
C LEU B 217 6.81 -10.15 26.72
N LYS B 218 6.77 -11.43 27.09
CA LYS B 218 6.65 -12.46 26.08
C LYS B 218 5.19 -12.89 25.79
N ILE B 219 4.66 -12.45 24.62
CA ILE B 219 3.30 -12.75 24.23
C ILE B 219 3.17 -13.88 23.29
N ARG B 220 1.89 -14.41 23.14
CA ARG B 220 1.57 -15.52 22.18
C ARG B 220 0.15 -15.28 21.63
N ILE B 221 0.07 -14.87 20.39
CA ILE B 221 -1.25 -14.53 19.77
C ILE B 221 -1.77 -15.56 18.75
N ASP B 222 -2.91 -16.22 19.05
CA ASP B 222 -3.47 -17.18 18.05
C ASP B 222 -4.56 -16.53 17.21
N ALA B 223 -4.28 -16.23 15.96
CA ALA B 223 -5.29 -15.61 15.04
C ALA B 223 -6.24 -16.63 14.44
N MET B 224 -6.14 -17.89 14.89
CA MET B 224 -7.09 -19.00 14.43
C MET B 224 -7.28 -19.17 12.94
N HIS B 225 -6.31 -18.74 12.16
CA HIS B 225 -6.40 -18.83 10.66
C HIS B 225 -7.47 -17.93 10.09
N GLY B 226 -7.85 -16.88 10.80
CA GLY B 226 -8.86 -15.98 10.28
C GLY B 226 -8.36 -14.72 9.71
N VAL B 227 -9.25 -13.74 9.42
CA VAL B 227 -8.79 -12.45 8.80
C VAL B 227 -7.91 -11.58 9.71
N VAL B 228 -7.93 -11.77 11.06
CA VAL B 228 -7.05 -10.94 11.92
C VAL B 228 -5.55 -11.34 11.85
N GLY B 229 -5.25 -12.45 11.18
CA GLY B 229 -3.83 -12.89 11.03
C GLY B 229 -2.87 -11.81 10.49
N PRO B 230 -3.07 -11.31 9.26
CA PRO B 230 -2.20 -10.30 8.66
C PRO B 230 -2.09 -9.04 9.58
N TYR B 231 -3.20 -8.70 10.28
CA TYR B 231 -3.15 -7.56 11.14
C TYR B 231 -2.22 -7.80 12.34
N VAL B 232 -2.17 -9.02 12.88
CA VAL B 232 -1.28 -9.30 13.99
C VAL B 232 0.15 -9.21 13.52
N LYS B 233 0.43 -9.79 12.33
CA LYS B 233 1.81 -9.75 11.77
C LYS B 233 2.30 -8.30 11.52
N LYS B 234 1.60 -7.57 10.67
CA LYS B 234 2.01 -6.23 10.36
C LYS B 234 2.06 -5.29 11.57
N ILE B 235 1.06 -5.31 12.48
CA ILE B 235 1.07 -4.38 13.66
C ILE B 235 1.94 -4.92 14.86
N LEU B 236 1.59 -6.09 15.40
CA LEU B 236 2.33 -6.59 16.57
C LEU B 236 3.81 -7.09 16.27
N CYS B 237 4.03 -7.81 15.21
CA CYS B 237 5.39 -8.27 14.96
C CYS B 237 6.25 -7.18 14.20
N GLU B 238 5.82 -6.79 12.99
CA GLU B 238 6.61 -5.78 12.19
C GLU B 238 6.78 -4.44 12.87
N GLU B 239 5.70 -3.70 13.07
CA GLU B 239 5.84 -2.37 13.70
C GLU B 239 6.13 -2.37 15.20
N LEU B 240 5.41 -3.10 16.01
CA LEU B 240 5.70 -3.05 17.47
C LEU B 240 7.01 -3.81 17.89
N GLY B 241 7.48 -4.77 17.07
CA GLY B 241 8.73 -5.42 17.38
C GLY B 241 8.65 -6.79 18.01
N ALA B 242 7.43 -7.36 18.19
CA ALA B 242 7.34 -8.72 18.82
C ALA B 242 7.95 -9.80 17.83
N PRO B 243 8.73 -10.82 18.33
CA PRO B 243 9.33 -11.85 17.47
C PRO B 243 8.30 -12.59 16.65
N ALA B 244 8.60 -12.96 15.40
CA ALA B 244 7.58 -13.67 14.53
C ALA B 244 6.92 -14.93 15.20
N ASN B 245 7.62 -15.63 16.12
CA ASN B 245 7.02 -16.77 16.77
C ASN B 245 5.89 -16.35 17.83
N SER B 246 5.71 -15.02 18.02
CA SER B 246 4.64 -14.53 18.89
C SER B 246 3.27 -14.69 18.17
N ALA B 247 3.24 -14.37 16.88
CA ALA B 247 2.01 -14.46 16.14
C ALA B 247 1.81 -15.85 15.55
N VAL B 248 1.08 -16.72 16.26
CA VAL B 248 0.87 -18.08 15.75
C VAL B 248 -0.45 -18.25 14.96
N ASN B 249 -0.40 -19.08 13.86
CA ASN B 249 -1.61 -19.30 12.97
C ASN B 249 -2.10 -17.98 12.21
N CYS B 250 -1.21 -17.00 12.06
CA CYS B 250 -1.58 -15.73 11.46
C CYS B 250 -1.72 -15.72 9.93
N VAL B 251 -2.16 -16.82 9.33
CA VAL B 251 -2.34 -16.85 7.87
C VAL B 251 -3.79 -17.27 7.52
N PRO B 252 -4.59 -16.39 6.91
CA PRO B 252 -5.97 -16.68 6.58
C PRO B 252 -6.14 -17.87 5.68
N LEU B 253 -6.82 -18.90 6.14
CA LEU B 253 -7.07 -20.04 5.28
C LEU B 253 -8.54 -20.05 4.89
N GLU B 254 -8.89 -20.28 3.62
CA GLU B 254 -10.37 -20.24 3.18
C GLU B 254 -11.34 -21.14 4.02
N ASP B 255 -10.77 -22.14 4.72
CA ASP B 255 -11.56 -23.07 5.57
C ASP B 255 -11.16 -22.88 7.08
N PHE B 256 -10.37 -21.83 7.37
CA PHE B 256 -9.89 -21.56 8.75
C PHE B 256 -9.15 -22.73 9.32
N GLY B 257 -8.54 -23.53 8.41
CA GLY B 257 -7.81 -24.70 8.82
C GLY B 257 -8.73 -25.77 9.50
N GLY B 258 -9.94 -25.98 8.98
CA GLY B 258 -10.85 -27.02 9.58
C GLY B 258 -11.11 -26.76 11.08
N HIS B 259 -11.17 -25.51 11.47
CA HIS B 259 -11.41 -25.18 12.88
C HIS B 259 -12.34 -23.99 13.03
N HIS B 260 -12.97 -23.81 14.20
CA HIS B 260 -13.93 -22.67 14.34
C HIS B 260 -13.25 -21.45 14.91
N PRO B 261 -13.20 -20.33 14.18
CA PRO B 261 -12.56 -19.06 14.66
C PRO B 261 -13.45 -18.43 15.80
N ASP B 262 -13.37 -19.02 17.00
CA ASP B 262 -14.15 -18.53 18.10
C ASP B 262 -13.32 -18.50 19.40
N PRO B 263 -13.07 -17.28 19.94
CA PRO B 263 -12.25 -17.07 21.18
C PRO B 263 -12.76 -17.76 22.45
N ASN B 264 -12.62 -19.08 22.57
CA ASN B 264 -13.02 -19.73 23.84
C ASN B 264 -12.11 -20.93 24.23
N LEU B 265 -11.96 -21.19 25.51
CA LEU B 265 -11.04 -22.23 25.99
C LEU B 265 -11.04 -23.62 25.25
N THR B 266 -12.11 -24.02 24.58
CA THR B 266 -12.09 -25.35 23.89
C THR B 266 -11.81 -25.22 22.43
N TYR B 267 -12.37 -24.23 21.78
CA TYR B 267 -12.03 -24.00 20.33
C TYR B 267 -10.58 -23.49 20.18
N ALA B 268 -10.10 -22.75 21.20
CA ALA B 268 -8.70 -22.27 21.25
C ALA B 268 -7.90 -23.04 22.33
N ALA B 269 -8.13 -24.37 22.40
CA ALA B 269 -7.40 -25.20 23.38
C ALA B 269 -5.85 -25.25 23.14
N ASP B 270 -5.41 -25.10 21.88
CA ASP B 270 -3.92 -25.06 21.59
C ASP B 270 -3.22 -23.93 22.37
N LEU B 271 -3.81 -22.69 22.31
CA LEU B 271 -3.25 -21.56 23.08
C LEU B 271 -3.21 -21.91 24.59
N VAL B 272 -4.29 -22.46 25.11
CA VAL B 272 -4.32 -22.85 26.53
C VAL B 272 -3.17 -23.80 26.87
N GLU B 273 -2.91 -24.79 26.01
CA GLU B 273 -1.75 -25.74 26.25
C GLU B 273 -0.37 -24.97 26.17
N THR B 274 -0.22 -24.03 25.21
CA THR B 274 1.04 -23.21 25.14
C THR B 274 1.20 -22.34 26.37
N MET B 275 0.11 -21.92 27.00
CA MET B 275 0.24 -21.06 28.18
C MET B 275 0.55 -21.80 29.52
N LYS B 276 0.08 -23.05 29.67
CA LYS B 276 0.32 -23.84 30.92
C LYS B 276 1.82 -23.99 31.23
N SER B 277 2.63 -24.22 30.15
CA SER B 277 4.12 -24.35 30.30
C SER B 277 4.79 -23.18 31.07
N GLY B 278 4.15 -22.01 31.17
CA GLY B 278 4.75 -20.89 31.94
C GLY B 278 5.80 -20.10 31.17
N GLU B 279 5.98 -20.41 29.88
CA GLU B 279 6.98 -19.65 29.07
C GLU B 279 6.50 -18.24 28.69
N HIS B 280 5.17 -18.01 28.52
CA HIS B 280 4.72 -16.66 28.11
C HIS B 280 4.00 -15.88 29.20
N ASP B 281 4.03 -14.52 29.14
CA ASP B 281 3.33 -13.68 30.20
C ASP B 281 1.94 -13.29 29.81
N PHE B 282 1.67 -13.28 28.50
CA PHE B 282 0.34 -12.88 27.95
C PHE B 282 -0.03 -13.73 26.69
N GLY B 283 -1.32 -14.19 26.61
CA GLY B 283 -1.79 -15.00 25.49
C GLY B 283 -3.12 -14.44 25.00
N ALA B 284 -3.44 -14.59 23.70
CA ALA B 284 -4.76 -14.09 23.19
C ALA B 284 -5.24 -14.82 21.95
N ALA B 285 -6.57 -15.08 21.86
CA ALA B 285 -7.17 -15.78 20.66
C ALA B 285 -8.25 -14.92 19.97
N PHE B 286 -8.43 -15.07 18.68
CA PHE B 286 -9.44 -14.19 17.96
C PHE B 286 -10.46 -14.95 17.19
N ASP B 287 -11.39 -14.21 16.54
CA ASP B 287 -12.48 -14.87 15.78
C ASP B 287 -12.32 -14.72 14.31
N GLY B 288 -13.29 -15.20 13.48
CA GLY B 288 -13.18 -15.12 11.96
C GLY B 288 -12.87 -13.72 11.44
N ASP B 289 -13.79 -12.76 11.69
CA ASP B 289 -13.56 -11.40 11.23
C ASP B 289 -12.76 -10.49 12.25
N GLY B 290 -12.27 -11.03 13.32
CA GLY B 290 -11.43 -10.24 14.27
C GLY B 290 -12.15 -9.19 15.15
N ASP B 291 -13.48 -9.29 15.35
CA ASP B 291 -14.18 -8.29 16.18
C ASP B 291 -14.46 -8.80 17.66
N ARG B 292 -13.89 -9.98 18.03
CA ARG B 292 -14.02 -10.51 19.41
C ARG B 292 -12.66 -11.11 19.92
N ASN B 293 -12.45 -11.25 21.27
CA ASN B 293 -11.12 -11.72 21.78
C ASN B 293 -11.15 -12.54 23.08
N MET B 294 -10.19 -13.44 23.23
CA MET B 294 -10.06 -14.24 24.53
C MET B 294 -8.68 -13.94 25.18
N ILE B 295 -8.67 -13.21 26.26
CA ILE B 295 -7.40 -12.86 26.94
C ILE B 295 -6.92 -13.93 28.04
N LEU B 296 -5.76 -14.43 27.85
CA LEU B 296 -5.21 -15.41 28.78
C LEU B 296 -3.95 -14.88 29.42
N GLY B 297 -3.74 -15.18 30.65
CA GLY B 297 -2.55 -14.74 31.32
C GLY B 297 -1.52 -15.90 31.50
N LYS B 298 -0.51 -15.68 32.30
CA LYS B 298 0.54 -16.69 32.51
C LYS B 298 0.03 -18.00 33.07
N HIS B 299 0.72 -19.11 32.78
CA HIS B 299 0.30 -20.48 33.32
C HIS B 299 -1.16 -20.91 32.98
N GLY B 300 -1.83 -20.25 32.04
CA GLY B 300 -3.22 -20.65 31.70
C GLY B 300 -4.27 -19.75 32.37
N PHE B 301 -3.84 -18.81 33.24
CA PHE B 301 -4.80 -17.86 33.95
C PHE B 301 -5.86 -17.23 33.04
N PHE B 302 -7.06 -17.80 33.00
CA PHE B 302 -8.17 -17.27 32.09
C PHE B 302 -8.76 -15.93 32.56
N VAL B 303 -8.73 -14.89 31.67
CA VAL B 303 -9.34 -13.60 32.05
C VAL B 303 -10.79 -13.55 31.53
N ASN B 304 -11.77 -13.63 32.44
CA ASN B 304 -13.18 -13.57 32.03
C ASN B 304 -13.55 -12.24 31.29
N PRO B 305 -14.23 -12.30 30.12
CA PRO B 305 -14.61 -11.14 29.35
C PRO B 305 -15.37 -10.09 30.16
N SER B 306 -16.11 -10.51 31.11
CA SER B 306 -16.84 -9.54 31.93
C SER B 306 -15.90 -8.79 32.88
N ASP B 307 -14.88 -9.52 33.48
CA ASP B 307 -13.89 -8.89 34.35
C ASP B 307 -12.97 -7.99 33.51
N SER B 308 -12.69 -8.41 32.26
CA SER B 308 -11.83 -7.61 31.30
C SER B 308 -12.37 -6.26 31.00
N VAL B 309 -13.63 -6.08 30.79
CA VAL B 309 -14.13 -4.70 30.57
C VAL B 309 -13.97 -3.83 31.90
N ALA B 310 -14.01 -4.48 33.07
CA ALA B 310 -13.83 -3.77 34.34
C ALA B 310 -12.45 -3.43 34.56
N VAL B 311 -11.49 -4.27 34.10
CA VAL B 311 -10.01 -3.94 34.27
C VAL B 311 -9.63 -2.68 33.35
N ILE B 312 -9.97 -2.74 32.08
CA ILE B 312 -9.71 -1.61 31.20
C ILE B 312 -10.42 -0.36 31.74
N ALA B 313 -11.70 -0.41 32.11
CA ALA B 313 -12.34 0.81 32.70
C ALA B 313 -11.65 1.30 33.99
N ALA B 314 -11.11 0.40 34.81
CA ALA B 314 -10.40 0.84 36.06
C ALA B 314 -9.04 1.43 35.75
N ASN B 315 -8.51 1.09 34.58
CA ASN B 315 -7.22 1.63 34.15
C ASN B 315 -7.40 2.38 32.77
N ILE B 316 -8.59 2.96 32.54
CA ILE B 316 -8.91 3.60 31.21
C ILE B 316 -7.99 4.71 30.80
N PHE B 317 -7.58 5.57 31.76
CA PHE B 317 -6.74 6.71 31.38
C PHE B 317 -5.20 6.34 31.09
N SER B 318 -4.84 5.08 31.14
CA SER B 318 -3.47 4.73 30.77
C SER B 318 -3.42 4.59 29.22
N ILE B 319 -4.58 4.75 28.55
CA ILE B 319 -4.64 4.67 27.09
C ILE B 319 -4.78 6.07 26.52
N PRO B 320 -3.76 6.58 25.74
CA PRO B 320 -3.73 7.98 25.12
C PRO B 320 -5.12 8.49 24.58
N TYR B 321 -5.84 7.66 23.79
CA TYR B 321 -7.15 8.06 23.26
C TYR B 321 -8.05 8.63 24.36
N PHE B 322 -8.30 7.82 25.42
CA PHE B 322 -9.20 8.28 26.49
C PHE B 322 -8.68 9.53 27.24
N GLN B 323 -7.31 9.62 27.45
CA GLN B 323 -6.73 10.80 28.11
C GLN B 323 -7.08 12.08 27.35
N GLN B 324 -7.01 12.03 26.01
CA GLN B 324 -7.30 13.21 25.21
C GLN B 324 -8.82 13.43 24.91
N THR B 325 -9.55 12.35 24.56
CA THR B 325 -11.01 12.48 24.22
C THR B 325 -11.96 12.43 25.46
N GLY B 326 -11.47 12.01 26.60
CA GLY B 326 -12.32 11.93 27.77
C GLY B 326 -13.28 10.69 27.76
N VAL B 327 -13.69 10.22 28.96
CA VAL B 327 -14.69 9.09 29.04
C VAL B 327 -16.12 9.62 29.12
N ARG B 328 -16.83 9.57 27.98
CA ARG B 328 -18.23 10.04 27.90
C ARG B 328 -19.25 9.06 28.62
N GLY B 329 -18.86 7.82 28.89
CA GLY B 329 -19.80 6.88 29.55
C GLY B 329 -19.39 5.40 29.41
N PHE B 330 -19.91 4.55 30.27
CA PHE B 330 -19.58 3.12 30.22
C PHE B 330 -20.83 2.31 29.95
N ALA B 331 -20.71 1.14 29.30
CA ALA B 331 -21.89 0.34 29.00
C ALA B 331 -21.63 -1.13 28.97
N ARG B 332 -22.65 -1.92 29.30
CA ARG B 332 -22.53 -3.38 29.20
C ARG B 332 -23.86 -4.02 28.88
N SER B 333 -23.83 -5.19 28.27
CA SER B 333 -25.10 -5.90 27.99
C SER B 333 -25.72 -6.40 29.34
N MET B 334 -27.06 -6.54 29.41
CA MET B 334 -27.72 -7.00 30.67
C MET B 334 -27.12 -8.34 31.26
N PRO B 335 -26.87 -9.41 30.45
CA PRO B 335 -26.31 -10.64 30.94
C PRO B 335 -24.82 -10.56 31.40
N THR B 336 -24.10 -9.48 30.99
CA THR B 336 -22.66 -9.33 31.40
C THR B 336 -22.50 -9.12 32.91
N SER B 337 -21.49 -9.73 33.54
CA SER B 337 -21.27 -9.58 34.99
C SER B 337 -21.28 -8.13 35.58
N GLY B 338 -21.61 -8.00 36.84
CA GLY B 338 -21.67 -6.67 37.46
C GLY B 338 -20.33 -6.06 37.76
N ALA B 339 -19.20 -6.69 37.29
CA ALA B 339 -17.82 -6.12 37.52
C ALA B 339 -17.66 -4.65 36.97
N LEU B 340 -18.23 -4.34 35.78
CA LEU B 340 -18.16 -2.99 35.26
C LEU B 340 -18.87 -2.00 36.12
N ASP B 341 -19.98 -2.41 36.71
CA ASP B 341 -20.79 -1.51 37.58
C ASP B 341 -20.02 -1.02 38.79
N ARG B 342 -19.23 -1.91 39.40
CA ARG B 342 -18.42 -1.52 40.57
C ARG B 342 -17.47 -0.33 40.22
N VAL B 343 -16.78 -0.45 39.06
CA VAL B 343 -15.90 0.57 38.60
C VAL B 343 -16.69 1.83 38.29
N ALA B 344 -17.71 1.75 37.40
CA ALA B 344 -18.51 2.98 37.03
C ALA B 344 -19.12 3.72 38.22
N ASN B 345 -19.46 2.98 39.30
CA ASN B 345 -20.00 3.64 40.49
C ASN B 345 -18.94 4.27 41.31
N ALA B 346 -17.76 3.63 41.45
CA ALA B 346 -16.65 4.24 42.23
C ALA B 346 -16.07 5.49 41.52
N THR B 347 -15.89 5.36 40.20
CA THR B 347 -15.34 6.47 39.34
C THR B 347 -16.38 7.57 39.05
N LYS B 348 -17.62 7.38 39.48
CA LYS B 348 -18.65 8.37 39.24
C LYS B 348 -18.88 8.73 37.76
N ILE B 349 -18.92 7.69 36.92
CA ILE B 349 -19.17 7.86 35.49
C ILE B 349 -20.50 7.09 35.08
N ALA B 350 -21.23 7.55 34.08
CA ALA B 350 -22.48 6.92 33.70
C ALA B 350 -22.36 5.49 33.27
N LEU B 351 -23.26 4.60 33.79
CA LEU B 351 -23.26 3.15 33.36
C LEU B 351 -24.59 2.79 32.64
N TYR B 352 -24.51 2.16 31.57
CA TYR B 352 -25.70 1.83 30.85
C TYR B 352 -25.88 0.34 30.67
N GLU B 353 -27.00 -0.18 31.19
CA GLU B 353 -27.31 -1.63 31.02
C GLU B 353 -28.19 -1.82 29.78
N THR B 354 -27.63 -2.35 28.74
CA THR B 354 -28.39 -2.50 27.47
C THR B 354 -28.67 -3.99 27.12
N PRO B 355 -29.66 -4.28 26.25
CA PRO B 355 -29.98 -5.68 25.85
C PRO B 355 -28.86 -6.27 24.97
N THR B 356 -28.77 -7.60 24.78
CA THR B 356 -27.72 -8.09 23.94
C THR B 356 -27.85 -7.57 22.55
N GLY B 357 -26.72 -7.23 21.91
CA GLY B 357 -26.73 -6.71 20.49
C GLY B 357 -25.94 -5.42 20.40
N TRP B 358 -24.86 -5.40 19.60
CA TRP B 358 -24.05 -4.20 19.45
C TRP B 358 -24.83 -2.89 19.08
N LYS B 359 -25.89 -2.95 18.27
CA LYS B 359 -26.67 -1.69 17.91
C LYS B 359 -26.97 -0.77 19.12
N PHE B 360 -27.34 -1.33 20.27
CA PHE B 360 -27.63 -0.48 21.42
C PHE B 360 -26.40 0.32 21.85
N PHE B 361 -25.24 -0.27 21.69
CA PHE B 361 -23.94 0.44 22.02
C PHE B 361 -23.65 1.55 20.96
N GLY B 362 -23.96 1.24 19.69
CA GLY B 362 -23.77 2.19 18.64
C GLY B 362 -24.61 3.41 18.86
N ASN B 363 -25.93 3.23 19.10
CA ASN B 363 -26.85 4.41 19.37
C ASN B 363 -26.31 5.35 20.48
N LEU B 364 -25.83 4.79 21.58
CA LEU B 364 -25.26 5.62 22.64
C LEU B 364 -23.92 6.26 22.22
N MET B 365 -23.11 5.58 21.32
CA MET B 365 -21.80 6.19 20.84
C MET B 365 -22.07 7.36 19.96
N ASP B 366 -23.01 7.19 18.94
CA ASP B 366 -23.38 8.31 18.01
C ASP B 366 -23.97 9.52 18.77
N ALA B 367 -24.59 9.27 19.94
CA ALA B 367 -25.13 10.36 20.75
C ALA B 367 -24.06 10.94 21.74
N SER B 368 -22.80 10.55 21.56
CA SER B 368 -21.69 11.04 22.47
C SER B 368 -21.91 10.73 23.92
N LYS B 369 -22.48 9.54 24.22
CA LYS B 369 -22.75 9.15 25.66
C LYS B 369 -22.03 7.82 26.07
N LEU B 370 -21.39 7.16 25.09
CA LEU B 370 -20.72 5.93 25.38
C LEU B 370 -19.23 5.89 24.87
N SER B 371 -18.29 5.62 25.78
CA SER B 371 -16.86 5.49 25.43
C SER B 371 -16.41 4.06 25.50
N LEU B 372 -16.63 3.37 26.60
CA LEU B 372 -16.20 1.94 26.68
C LEU B 372 -17.42 0.97 26.91
N CYS B 373 -17.44 -0.17 26.19
CA CYS B 373 -18.53 -1.12 26.32
C CYS B 373 -18.07 -2.57 26.29
N GLY B 374 -18.79 -3.45 27.03
CA GLY B 374 -18.40 -4.85 27.09
C GLY B 374 -19.61 -5.85 27.01
N GLU B 375 -19.32 -7.02 26.44
CA GLU B 375 -20.26 -8.08 26.35
C GLU B 375 -19.59 -9.42 26.95
N GLU B 376 -20.41 -10.24 27.69
CA GLU B 376 -19.91 -11.48 28.26
C GLU B 376 -19.48 -12.45 27.19
N SER B 377 -20.03 -12.31 25.97
CA SER B 377 -19.64 -13.19 24.82
C SER B 377 -18.35 -12.69 24.14
N PHE B 378 -17.26 -12.55 24.93
CA PHE B 378 -15.91 -12.11 24.40
C PHE B 378 -15.95 -10.79 23.56
N GLY B 379 -16.46 -9.77 24.08
CA GLY B 379 -16.53 -8.54 23.31
C GLY B 379 -16.22 -7.26 24.14
N THR B 380 -15.29 -6.48 23.61
CA THR B 380 -14.91 -5.18 24.23
C THR B 380 -14.67 -4.21 23.17
N GLY B 381 -15.09 -2.96 23.36
CA GLY B 381 -14.84 -1.94 22.28
C GLY B 381 -14.89 -0.54 22.75
N SER B 382 -14.98 0.38 21.82
CA SER B 382 -15.08 1.79 22.17
C SER B 382 -15.54 2.59 21.05
N ASP B 383 -15.89 3.85 21.27
CA ASP B 383 -16.38 4.74 20.17
C ASP B 383 -15.32 5.02 19.01
N HIS B 384 -14.11 4.38 19.03
CA HIS B 384 -13.19 4.57 17.92
C HIS B 384 -13.79 4.08 16.59
N ILE B 385 -14.57 3.06 16.61
CA ILE B 385 -15.26 2.57 15.36
C ILE B 385 -16.83 2.19 15.75
N ARG B 386 -17.59 1.65 14.83
CA ARG B 386 -18.92 1.29 15.14
C ARG B 386 -19.12 -0.21 15.12
N GLU B 387 -18.06 -0.94 15.48
CA GLU B 387 -18.12 -2.40 15.56
C GLU B 387 -17.19 -2.86 16.69
N LYS B 388 -17.30 -4.13 17.11
CA LYS B 388 -16.41 -4.64 18.16
C LYS B 388 -14.98 -4.83 17.62
N ASP B 389 -13.96 -4.80 18.48
CA ASP B 389 -12.61 -4.95 17.97
C ASP B 389 -11.72 -5.89 18.82
N GLY B 390 -11.41 -7.05 18.28
CA GLY B 390 -10.60 -8.03 19.02
C GLY B 390 -9.23 -7.59 19.27
N LEU B 391 -8.54 -7.11 18.21
CA LEU B 391 -7.11 -6.62 18.38
C LEU B 391 -7.02 -5.35 19.25
N TRP B 392 -8.01 -4.43 19.18
CA TRP B 392 -8.03 -3.22 20.06
C TRP B 392 -8.05 -3.67 21.60
N ALA B 393 -8.90 -4.67 21.97
CA ALA B 393 -8.93 -5.15 23.38
C ALA B 393 -7.56 -5.69 23.80
N VAL B 394 -6.85 -6.35 22.86
CA VAL B 394 -5.49 -6.89 23.16
C VAL B 394 -4.43 -5.73 23.36
N LEU B 395 -4.40 -4.73 22.43
CA LEU B 395 -3.47 -3.60 22.61
C LEU B 395 -3.85 -2.78 23.85
N ALA B 396 -5.16 -2.70 24.17
CA ALA B 396 -5.56 -2.00 25.42
C ALA B 396 -5.03 -2.78 26.69
N TRP B 397 -5.08 -4.13 26.66
CA TRP B 397 -4.53 -4.92 27.75
C TRP B 397 -3.05 -4.75 27.85
N LEU B 398 -2.35 -4.84 26.68
CA LEU B 398 -0.87 -4.67 26.66
C LEU B 398 -0.48 -3.23 27.16
N SER B 399 -1.31 -2.21 26.83
CA SER B 399 -1.06 -0.88 27.34
C SER B 399 -1.10 -0.87 28.91
N ILE B 400 -2.13 -1.48 29.48
CA ILE B 400 -2.24 -1.56 30.96
C ILE B 400 -1.05 -2.37 31.57
N LEU B 401 -0.65 -3.48 30.94
CA LEU B 401 0.49 -4.25 31.46
C LEU B 401 1.74 -3.37 31.46
N ALA B 402 1.95 -2.62 30.35
CA ALA B 402 3.15 -1.73 30.24
C ALA B 402 3.08 -0.57 31.31
N THR B 403 1.93 0.03 31.50
CA THR B 403 1.80 1.11 32.49
C THR B 403 1.97 0.62 33.92
N ARG B 404 1.42 -0.55 34.25
CA ARG B 404 1.49 -1.03 35.66
C ARG B 404 2.74 -1.90 36.04
N LYS B 405 3.47 -2.43 35.05
CA LYS B 405 4.65 -3.30 35.37
C LYS B 405 4.26 -4.60 36.15
N GLN B 406 2.99 -4.98 36.12
CA GLN B 406 2.51 -6.19 36.85
C GLN B 406 2.09 -7.30 35.95
N SER B 407 1.90 -8.48 36.52
CA SER B 407 1.47 -9.60 35.70
C SER B 407 -0.06 -9.60 35.49
N VAL B 408 -0.59 -10.27 34.42
CA VAL B 408 -2.11 -10.32 34.20
C VAL B 408 -2.83 -10.78 35.47
N GLU B 409 -2.22 -11.79 36.18
CA GLU B 409 -2.78 -12.30 37.43
C GLU B 409 -2.81 -11.25 38.55
N ASP B 410 -1.69 -10.64 38.83
CA ASP B 410 -1.62 -9.62 39.92
C ASP B 410 -2.48 -8.43 39.68
N ILE B 411 -2.78 -8.11 38.40
CA ILE B 411 -3.68 -6.96 38.08
C ILE B 411 -5.09 -7.31 38.42
N LEU B 412 -5.49 -8.54 38.13
CA LEU B 412 -6.86 -8.98 38.47
C LEU B 412 -7.02 -9.19 39.94
N LYS B 413 -6.05 -9.89 40.61
CA LYS B 413 -6.12 -10.04 42.12
C LYS B 413 -6.28 -8.62 42.78
N ASP B 414 -5.49 -7.66 42.29
CA ASP B 414 -5.56 -6.28 42.77
C ASP B 414 -6.98 -5.69 42.51
N HIS B 415 -7.56 -6.01 41.34
CA HIS B 415 -8.85 -5.52 41.00
C HIS B 415 -9.93 -6.13 41.90
N TRP B 416 -9.88 -7.43 42.15
CA TRP B 416 -10.88 -8.08 43.02
C TRP B 416 -10.73 -7.59 44.46
N HIS B 417 -9.48 -7.34 44.92
CA HIS B 417 -9.28 -6.78 46.32
C HIS B 417 -9.83 -5.33 46.46
N LYS B 418 -9.96 -4.57 45.35
CA LYS B 418 -10.49 -3.17 45.41
C LYS B 418 -11.98 -3.07 45.19
N PHE B 419 -12.49 -3.75 44.22
CA PHE B 419 -13.95 -3.70 43.92
C PHE B 419 -14.72 -4.97 44.40
N GLY B 420 -14.01 -6.08 44.62
CA GLY B 420 -14.66 -7.35 44.99
C GLY B 420 -14.71 -8.27 43.75
N ARG B 421 -14.99 -9.57 43.91
CA ARG B 421 -15.05 -10.45 42.73
C ARG B 421 -16.45 -10.80 42.29
N ASN B 422 -16.80 -10.45 41.08
CA ASN B 422 -18.09 -10.85 40.55
C ASN B 422 -17.94 -12.21 39.86
N PHE B 423 -18.09 -13.33 40.62
CA PHE B 423 -17.97 -14.68 40.01
C PHE B 423 -18.93 -14.82 38.89
N PHE B 424 -18.45 -15.19 37.68
CA PHE B 424 -19.35 -15.29 36.54
C PHE B 424 -19.24 -16.59 35.80
N THR B 425 -20.44 -17.13 35.33
CA THR B 425 -20.52 -18.42 34.54
C THR B 425 -21.72 -18.38 33.65
N ARG B 426 -21.61 -18.94 32.43
CA ARG B 426 -22.77 -18.99 31.55
C ARG B 426 -23.04 -20.42 31.13
N TYR B 427 -24.31 -20.91 31.44
CA TYR B 427 -24.70 -22.27 31.09
C TYR B 427 -25.47 -22.28 29.80
N ASP B 428 -24.93 -22.99 28.76
CA ASP B 428 -25.64 -23.09 27.50
C ASP B 428 -26.30 -24.45 27.27
N TYR B 429 -27.65 -24.44 27.11
CA TYR B 429 -28.42 -25.65 26.77
C TYR B 429 -28.70 -25.58 25.26
N GLU B 430 -27.96 -26.32 24.47
CA GLU B 430 -28.03 -26.22 23.02
C GLU B 430 -29.28 -26.69 22.33
N GLU B 431 -29.29 -27.87 21.69
CA GLU B 431 -30.51 -28.29 20.92
C GLU B 431 -31.79 -28.68 21.82
N VAL B 432 -32.30 -27.73 22.54
CA VAL B 432 -33.44 -27.97 23.41
C VAL B 432 -34.77 -27.79 22.62
N GLU B 433 -35.78 -28.65 22.80
CA GLU B 433 -37.06 -28.46 22.03
C GLU B 433 -37.89 -27.23 22.49
N ALA B 434 -38.43 -26.48 21.51
CA ALA B 434 -39.16 -25.22 21.77
C ALA B 434 -40.27 -25.24 22.87
N GLU B 435 -41.22 -26.18 22.82
CA GLU B 435 -42.34 -26.22 23.83
C GLU B 435 -41.89 -26.31 25.31
N GLY B 436 -40.92 -27.18 25.62
CA GLY B 436 -40.40 -27.31 27.03
C GLY B 436 -39.66 -26.04 27.49
N ALA B 437 -38.80 -25.48 26.59
CA ALA B 437 -38.09 -24.22 26.92
C ALA B 437 -39.03 -23.02 27.06
N THR B 438 -40.01 -22.87 26.13
CA THR B 438 -40.99 -21.73 26.22
C THR B 438 -41.90 -21.83 27.46
N LYS B 439 -42.37 -23.03 27.76
CA LYS B 439 -43.21 -23.25 28.96
C LYS B 439 -42.42 -22.95 30.25
N MET B 440 -41.10 -23.39 30.27
CA MET B 440 -40.25 -23.14 31.40
C MET B 440 -40.12 -21.68 31.65
N MET B 441 -39.92 -20.88 30.57
CA MET B 441 -39.81 -19.39 30.71
C MET B 441 -41.13 -18.74 31.19
N LYS B 442 -42.28 -19.18 30.62
CA LYS B 442 -43.62 -18.63 31.06
C LYS B 442 -43.95 -18.96 32.54
N ASP B 443 -43.62 -20.15 32.98
CA ASP B 443 -43.85 -20.52 34.36
C ASP B 443 -43.02 -19.67 35.27
N LEU B 444 -41.67 -19.60 34.98
CA LEU B 444 -40.72 -18.79 35.79
C LEU B 444 -41.13 -17.32 35.81
N GLU B 445 -41.55 -16.80 34.68
CA GLU B 445 -42.04 -15.43 34.63
C GLU B 445 -43.30 -15.22 35.55
N ALA B 446 -44.35 -16.15 35.46
CA ALA B 446 -45.53 -16.06 36.33
C ALA B 446 -45.12 -16.17 37.84
N LEU B 447 -44.15 -17.03 38.11
CA LEU B 447 -43.65 -17.22 39.45
C LEU B 447 -42.95 -15.91 39.95
N MET B 448 -42.04 -15.38 39.14
CA MET B 448 -41.31 -14.13 39.51
C MET B 448 -42.22 -12.98 39.72
N PHE B 449 -43.19 -12.80 38.83
CA PHE B 449 -44.09 -11.65 38.93
C PHE B 449 -45.14 -11.74 40.06
N ASP B 450 -44.96 -12.64 41.02
CA ASP B 450 -45.89 -12.73 42.14
C ASP B 450 -45.66 -11.59 43.11
N ARG B 451 -46.71 -10.96 43.58
CA ARG B 451 -46.57 -9.83 44.56
C ARG B 451 -45.70 -10.17 45.84
N SER B 452 -45.44 -11.45 46.10
CA SER B 452 -44.63 -11.81 47.28
C SER B 452 -43.26 -12.41 46.92
N PHE B 453 -42.94 -12.58 45.64
CA PHE B 453 -41.59 -13.17 45.26
C PHE B 453 -40.45 -12.24 45.69
N VAL B 454 -40.68 -10.91 45.60
CA VAL B 454 -39.67 -9.95 46.07
C VAL B 454 -39.61 -9.98 47.58
N GLY B 455 -38.49 -10.39 48.11
CA GLY B 455 -38.34 -10.52 49.58
C GLY B 455 -38.03 -12.01 49.94
N LYS B 456 -38.49 -12.94 49.05
CA LYS B 456 -38.25 -14.39 49.24
C LYS B 456 -36.81 -14.73 49.45
N GLN B 457 -36.50 -15.68 50.36
CA GLN B 457 -35.09 -16.04 50.63
C GLN B 457 -34.73 -17.47 50.21
N PHE B 458 -33.58 -17.60 49.49
CA PHE B 458 -33.13 -18.91 49.00
C PHE B 458 -31.79 -19.29 49.63
N SER B 459 -31.62 -20.51 50.06
CA SER B 459 -30.37 -20.89 50.69
C SER B 459 -29.87 -22.22 50.18
N ALA B 460 -28.59 -22.32 49.81
CA ALA B 460 -28.06 -23.59 49.30
C ALA B 460 -26.79 -24.07 50.04
N ASN B 461 -26.41 -23.37 51.10
CA ASN B 461 -25.27 -23.74 51.94
C ASN B 461 -25.09 -22.67 53.03
N ASP B 462 -23.90 -21.99 53.11
CA ASP B 462 -23.66 -20.97 54.15
C ASP B 462 -24.45 -19.64 53.91
N LYS B 463 -24.19 -18.92 52.82
CA LYS B 463 -24.91 -17.64 52.59
C LYS B 463 -26.40 -17.78 52.06
N VAL B 464 -27.27 -16.88 52.49
CA VAL B 464 -28.66 -16.86 52.07
C VAL B 464 -28.89 -15.79 50.95
N TYR B 465 -29.85 -16.02 50.01
CA TYR B 465 -30.09 -15.05 48.94
C TYR B 465 -31.50 -14.42 48.98
N THR B 466 -31.58 -13.08 49.19
CA THR B 466 -32.91 -12.39 49.25
C THR B 466 -33.27 -11.68 47.93
N VAL B 467 -34.36 -12.08 47.29
CA VAL B 467 -34.74 -11.43 46.04
C VAL B 467 -35.22 -10.02 46.23
N GLU B 468 -34.46 -9.00 45.67
CA GLU B 468 -34.90 -7.57 45.78
C GLU B 468 -35.54 -7.04 44.49
N LYS B 469 -35.33 -7.71 43.38
CA LYS B 469 -35.96 -7.31 42.16
C LYS B 469 -36.16 -8.51 41.21
N ALA B 470 -37.31 -8.57 40.52
CA ALA B 470 -37.54 -9.68 39.58
C ALA B 470 -38.33 -9.19 38.41
N ASP B 471 -37.76 -9.20 37.19
CA ASP B 471 -38.54 -8.68 35.99
C ASP B 471 -38.07 -9.26 34.67
N ASN B 472 -38.86 -9.07 33.65
CA ASN B 472 -38.49 -9.48 32.32
C ASN B 472 -37.88 -8.26 31.66
N PHE B 473 -36.59 -8.22 31.47
CA PHE B 473 -35.90 -6.99 30.89
C PHE B 473 -36.62 -6.21 29.72
N GLU B 474 -36.76 -4.91 29.93
CA GLU B 474 -37.38 -4.03 28.95
C GLU B 474 -36.50 -2.79 28.79
N TYR B 475 -36.03 -2.50 27.57
CA TYR B 475 -35.13 -1.30 27.38
C TYR B 475 -35.69 -0.27 26.43
N HIS B 476 -35.68 0.97 26.83
CA HIS B 476 -36.16 2.05 25.95
C HIS B 476 -34.97 2.80 25.46
N ASP B 477 -34.66 2.70 24.19
CA ASP B 477 -33.49 3.39 23.65
C ASP B 477 -33.68 4.92 23.57
N PRO B 478 -32.79 5.71 24.23
CA PRO B 478 -32.85 7.19 24.28
C PRO B 478 -32.52 7.87 22.94
N VAL B 479 -31.93 7.13 22.00
CA VAL B 479 -31.59 7.71 20.67
C VAL B 479 -32.77 7.53 19.64
N ASP B 480 -33.06 6.27 19.20
CA ASP B 480 -34.16 6.09 18.25
C ASP B 480 -35.55 5.91 18.93
N GLY B 481 -35.61 5.92 20.27
CA GLY B 481 -36.92 5.76 20.98
C GLY B 481 -37.48 4.31 21.00
N SER B 482 -36.77 3.37 20.36
CA SER B 482 -37.22 1.95 20.32
C SER B 482 -37.48 1.34 21.71
N VAL B 483 -38.48 0.41 21.77
CA VAL B 483 -38.81 -0.27 23.04
C VAL B 483 -38.57 -1.82 22.93
N SER B 484 -37.41 -2.28 23.36
CA SER B 484 -37.09 -3.70 23.26
C SER B 484 -37.54 -4.43 24.47
N LYS B 485 -38.76 -5.04 24.40
CA LYS B 485 -39.33 -5.84 25.57
C LYS B 485 -38.92 -7.29 25.52
N ASN B 486 -39.21 -8.04 26.56
CA ASN B 486 -38.89 -9.49 26.58
C ASN B 486 -37.38 -9.80 26.26
N GLN B 487 -36.43 -9.15 26.98
CA GLN B 487 -35.01 -9.34 26.71
C GLN B 487 -34.27 -10.28 27.71
N GLY B 488 -34.99 -10.80 28.73
CA GLY B 488 -34.35 -11.73 29.68
C GLY B 488 -34.92 -11.66 31.00
N LEU B 489 -35.07 -12.83 31.68
CA LEU B 489 -35.62 -12.84 33.09
C LEU B 489 -34.54 -12.61 34.09
N ARG B 490 -34.67 -11.60 34.92
CA ARG B 490 -33.60 -11.32 35.92
C ARG B 490 -34.05 -11.50 37.38
N LEU B 491 -33.33 -12.32 38.11
CA LEU B 491 -33.57 -12.43 39.54
C LEU B 491 -32.45 -11.65 40.29
N ILE B 492 -32.73 -10.44 40.70
CA ILE B 492 -31.66 -9.63 41.35
C ILE B 492 -31.70 -9.71 42.81
N PHE B 493 -30.60 -10.24 43.42
CA PHE B 493 -30.54 -10.45 44.92
C PHE B 493 -29.96 -9.26 45.69
N ALA B 494 -30.41 -9.06 46.92
CA ALA B 494 -29.97 -7.88 47.75
C ALA B 494 -28.45 -7.73 47.97
N ASP B 495 -27.65 -8.81 47.77
CA ASP B 495 -26.16 -8.70 47.95
C ASP B 495 -25.38 -8.25 46.63
N GLY B 496 -26.14 -8.01 45.53
CA GLY B 496 -25.53 -7.62 44.27
C GLY B 496 -25.48 -8.78 43.28
N SER B 497 -25.81 -10.01 43.73
CA SER B 497 -25.77 -11.19 42.83
C SER B 497 -26.97 -11.31 41.95
N ARG B 498 -26.81 -11.91 40.78
CA ARG B 498 -27.95 -12.04 39.87
C ARG B 498 -27.99 -13.40 39.22
N ILE B 499 -29.18 -13.81 38.83
CA ILE B 499 -29.38 -15.03 38.05
C ILE B 499 -30.21 -14.61 36.80
N ILE B 500 -29.68 -14.82 35.60
CA ILE B 500 -30.42 -14.39 34.40
C ILE B 500 -30.78 -15.55 33.45
N PHE B 501 -31.98 -15.53 32.89
CA PHE B 501 -32.40 -16.58 31.91
C PHE B 501 -32.70 -15.93 30.51
N ARG B 502 -32.14 -16.43 29.50
CA ARG B 502 -32.39 -15.89 28.20
C ARG B 502 -32.71 -16.97 27.15
N LEU B 503 -33.89 -16.91 26.54
CA LEU B 503 -34.18 -17.86 25.48
C LEU B 503 -33.64 -17.30 24.12
N SER B 504 -32.39 -17.61 23.78
CA SER B 504 -31.79 -17.11 22.54
C SER B 504 -32.45 -17.67 21.34
N GLY B 505 -32.35 -18.98 21.17
CA GLY B 505 -33.01 -19.61 20.06
C GLY B 505 -34.51 -19.60 20.28
N THR B 506 -35.22 -18.57 19.74
CA THR B 506 -36.72 -18.48 19.97
C THR B 506 -37.62 -19.14 18.86
N GLY B 507 -37.78 -18.45 17.71
CA GLY B 507 -38.67 -18.95 16.61
C GLY B 507 -38.17 -20.22 15.85
N SER B 508 -38.01 -21.35 16.56
CA SER B 508 -37.56 -22.63 15.92
C SER B 508 -37.74 -23.82 16.86
N ALA B 509 -37.99 -25.06 16.25
CA ALA B 509 -38.18 -26.29 17.04
C ALA B 509 -36.97 -26.53 18.01
N GLY B 510 -35.74 -26.12 17.57
CA GLY B 510 -34.55 -26.25 18.41
C GLY B 510 -34.25 -24.95 19.14
N ALA B 511 -34.77 -24.79 20.36
CA ALA B 511 -34.50 -23.55 21.16
C ALA B 511 -33.14 -23.58 21.97
N THR B 512 -32.55 -22.44 22.28
CA THR B 512 -31.31 -22.45 23.05
C THR B 512 -31.48 -21.67 24.40
N ILE B 513 -31.35 -22.36 25.54
CA ILE B 513 -31.47 -21.66 26.87
C ILE B 513 -30.08 -21.15 27.40
N ARG B 514 -29.95 -19.85 27.53
CA ARG B 514 -28.78 -19.31 28.05
C ARG B 514 -28.97 -18.95 29.52
N LEU B 515 -28.25 -19.60 30.43
CA LEU B 515 -28.37 -19.31 31.88
C LEU B 515 -27.16 -18.58 32.45
N TYR B 516 -27.30 -17.33 32.89
CA TYR B 516 -26.12 -16.55 33.40
C TYR B 516 -26.08 -16.44 34.90
N ILE B 517 -25.05 -16.88 35.51
CA ILE B 517 -24.99 -16.77 36.96
C ILE B 517 -23.89 -15.73 37.36
N ASP B 518 -24.28 -14.68 38.12
CA ASP B 518 -23.32 -13.66 38.56
C ASP B 518 -23.30 -13.56 40.11
N SER B 519 -22.27 -14.08 40.72
CA SER B 519 -22.16 -14.05 42.20
C SER B 519 -21.08 -13.03 42.77
N TYR B 520 -21.51 -11.95 43.38
CA TYR B 520 -20.57 -10.98 43.94
C TYR B 520 -19.94 -11.44 45.27
N GLU B 521 -18.63 -11.37 45.39
CA GLU B 521 -17.96 -11.78 46.62
C GLU B 521 -16.86 -10.78 47.09
N LYS B 522 -17.18 -9.93 48.08
CA LYS B 522 -16.21 -8.98 48.60
C LYS B 522 -15.20 -9.66 49.60
N ASP B 523 -15.50 -10.89 50.02
CA ASP B 523 -14.63 -11.60 50.98
C ASP B 523 -13.24 -11.90 50.43
N ASN B 524 -12.27 -11.11 50.80
CA ASN B 524 -10.87 -11.29 50.27
C ASN B 524 -10.32 -12.75 50.33
N ALA B 525 -10.77 -13.55 51.27
CA ALA B 525 -10.30 -14.98 51.32
C ALA B 525 -11.03 -15.83 50.25
N LYS B 526 -12.34 -15.56 50.02
CA LYS B 526 -13.10 -16.33 49.00
C LYS B 526 -12.81 -15.89 47.49
N ILE B 527 -12.26 -14.62 47.26
CA ILE B 527 -12.01 -14.11 45.90
C ILE B 527 -11.03 -14.93 45.07
N ASN B 528 -10.11 -15.68 45.67
CA ASN B 528 -9.19 -16.49 44.82
C ASN B 528 -9.55 -18.01 44.78
N GLN B 529 -10.76 -18.30 44.50
CA GLN B 529 -11.19 -19.70 44.44
C GLN B 529 -11.78 -20.06 43.07
N ASP B 530 -12.04 -21.37 42.85
CA ASP B 530 -12.61 -21.80 41.57
C ASP B 530 -14.02 -21.29 41.40
N PRO B 531 -14.31 -20.47 40.35
CA PRO B 531 -15.67 -19.87 40.10
C PRO B 531 -16.82 -20.95 40.12
N GLN B 532 -16.60 -22.16 39.57
CA GLN B 532 -17.65 -23.18 39.65
C GLN B 532 -17.91 -23.66 41.14
N VAL B 533 -16.85 -23.76 41.96
CA VAL B 533 -17.07 -24.14 43.36
C VAL B 533 -17.87 -22.98 44.13
N MET B 534 -17.55 -21.73 43.88
CA MET B 534 -18.26 -20.61 44.58
C MET B 534 -19.59 -20.36 44.02
N LEU B 535 -19.76 -20.62 42.71
CA LEU B 535 -21.07 -20.40 42.04
C LEU B 535 -22.07 -21.57 42.23
N ALA B 536 -21.60 -22.73 42.76
CA ALA B 536 -22.47 -23.90 42.95
C ALA B 536 -23.78 -23.61 43.73
N PRO B 537 -23.75 -22.98 44.88
CA PRO B 537 -25.02 -22.64 45.65
C PRO B 537 -25.99 -21.81 44.81
N LEU B 538 -25.51 -20.79 44.11
CA LEU B 538 -26.42 -19.96 43.27
C LEU B 538 -26.90 -20.70 41.94
N ILE B 539 -26.09 -21.64 41.41
CA ILE B 539 -26.54 -22.43 40.25
C ILE B 539 -27.66 -23.39 40.66
N SER B 540 -27.47 -24.09 41.80
CA SER B 540 -28.52 -25.01 42.34
C SER B 540 -29.88 -24.26 42.49
N ILE B 541 -29.84 -23.04 43.10
CA ILE B 541 -31.07 -22.22 43.24
C ILE B 541 -31.70 -21.87 41.84
N ALA B 542 -30.87 -21.52 40.83
CA ALA B 542 -31.41 -21.22 39.45
C ALA B 542 -32.11 -22.44 38.86
N LEU B 543 -31.53 -23.61 39.06
CA LEU B 543 -32.14 -24.85 38.53
C LEU B 543 -33.49 -25.22 39.28
N LYS B 544 -33.56 -24.92 40.59
CA LYS B 544 -34.78 -25.18 41.34
C LYS B 544 -35.93 -24.27 40.94
N VAL B 545 -35.77 -22.91 41.02
CA VAL B 545 -36.92 -22.01 40.61
C VAL B 545 -37.33 -22.15 39.15
N SER B 546 -36.41 -22.55 38.28
CA SER B 546 -36.74 -22.70 36.85
C SER B 546 -37.34 -24.05 36.47
N GLN B 547 -37.15 -25.07 37.32
CA GLN B 547 -37.62 -26.41 37.00
C GLN B 547 -37.07 -26.84 35.65
N LEU B 548 -35.85 -26.33 35.32
CA LEU B 548 -35.20 -26.62 34.00
C LEU B 548 -35.15 -28.09 33.63
N GLN B 549 -34.61 -28.95 34.50
CA GLN B 549 -34.52 -30.38 34.16
C GLN B 549 -35.88 -30.96 33.88
N GLU B 550 -36.89 -30.52 34.64
CA GLU B 550 -38.22 -31.03 34.48
C GLU B 550 -38.85 -30.61 33.15
N ARG B 551 -38.53 -29.42 32.68
CA ARG B 551 -39.12 -28.93 31.40
C ARG B 551 -38.30 -29.28 30.16
N THR B 552 -36.94 -29.56 30.34
CA THR B 552 -36.05 -29.88 29.15
C THR B 552 -35.43 -31.28 29.19
N GLY B 553 -35.52 -31.99 30.32
CA GLY B 553 -34.87 -33.28 30.41
C GLY B 553 -33.30 -33.19 30.58
N ARG B 554 -32.77 -31.96 30.62
CA ARG B 554 -31.34 -31.80 30.75
C ARG B 554 -30.82 -31.88 32.17
N THR B 555 -29.96 -32.93 32.46
CA THR B 555 -29.29 -33.03 33.81
C THR B 555 -27.83 -32.18 33.82
N ALA B 556 -27.43 -31.69 32.66
CA ALA B 556 -26.22 -30.98 32.54
C ALA B 556 -26.23 -30.05 31.29
N PRO B 557 -25.50 -28.88 31.32
CA PRO B 557 -25.47 -27.96 30.21
C PRO B 557 -24.60 -28.46 29.10
N THR B 558 -24.83 -27.99 27.87
CA THR B 558 -23.99 -28.44 26.75
C THR B 558 -22.65 -27.77 26.85
N VAL B 559 -22.64 -26.50 27.14
CA VAL B 559 -21.37 -25.76 27.23
C VAL B 559 -21.29 -24.88 28.47
N ILE B 560 -20.19 -24.92 29.20
CA ILE B 560 -20.02 -24.05 30.36
C ILE B 560 -18.92 -23.02 30.08
N THR B 561 -19.22 -21.72 30.26
CA THR B 561 -18.18 -20.68 30.00
C THR B 561 -17.90 -19.86 31.26
#